data_2JB2
#
_entry.id   2JB2
#
_cell.length_a   66.053
_cell.length_b   110.059
_cell.length_c   134.530
_cell.angle_alpha   90.00
_cell.angle_beta   90.00
_cell.angle_gamma   90.00
#
_symmetry.space_group_name_H-M   'P 21 21 21'
#
loop_
_entity.id
_entity.type
_entity.pdbx_description
1 polymer 'L-AMINO ACID OXIDASE'
2 non-polymer PHENYLALANINE
3 non-polymer 'FLAVIN-ADENINE DINUCLEOTIDE'
4 water water
#
_entity_poly.entity_id   1
_entity_poly.type   'polypeptide(L)'
_entity_poly.pdbx_seq_one_letter_code
;AGDLIGKVKGSHSVVVLGGGPAGLCSAFELQKAGYKVTVLEARTRPGGRVWTARGGSEETDLSGETQKCTFSEGHFYNVG
ATRIPQSHITLDYCRELGVEIQGFGNQNANTFVNYQSDTSLSGQSVTYRAAKADTFGYMSELLKKATDQGALDQVLSRED
KDALSEFLSDFGDLSDDGRYLGSSRRGYDSEPGAGLNFGTEKKPFAMQEVIRSGIGRNFSFDFGYDQAMMMFTPVGGMDR
IYYAFQDRIGTDNIVFGAEVTSMKNVSEGVTVEYTAGGSKKSITADYAICTIPPHLVGRLQNNLPGDVLTALKAAKPSSS
GKLGIEYSRRWWETEDRIYGGASNTDKDISQIMFPYDHYNSDRGVVVAYYSSGKRQEAFESLTHRQRLAKAIAEGSEIHG
EKYTRDISSSFSGSWRRTKYSESAWANWAGSGGSHGGAATPEYEKLLEPVDKIYFAGDHLSNAIAWQHGALTSARDVVTH
IHERVAQEA
;
_entity_poly.pdbx_strand_id   A,B
#
loop_
_chem_comp.id
_chem_comp.type
_chem_comp.name
_chem_comp.formula
FAD non-polymer 'FLAVIN-ADENINE DINUCLEOTIDE' 'C27 H33 N9 O15 P2'
#
# COMPACT_ATOMS: atom_id res chain seq x y z
N ASP A 3 -10.61 18.98 23.29
CA ASP A 3 -11.71 19.09 22.29
C ASP A 3 -12.87 18.16 22.64
N LEU A 4 -12.53 16.98 23.16
CA LEU A 4 -13.54 16.02 23.62
C LEU A 4 -14.40 16.62 24.71
N ILE A 5 -13.74 17.12 25.75
CA ILE A 5 -14.40 17.83 26.85
C ILE A 5 -13.57 19.05 27.25
N GLY A 6 -14.23 20.05 27.81
CA GLY A 6 -13.60 21.35 28.07
C GLY A 6 -13.54 21.78 29.54
N LYS A 7 -12.46 21.37 30.19
CA LYS A 7 -12.13 21.78 31.58
C LYS A 7 -13.23 21.48 32.61
N VAL A 8 -12.86 20.69 33.61
CA VAL A 8 -13.75 20.42 34.75
C VAL A 8 -13.53 21.45 35.86
N LYS A 9 -14.58 21.78 36.58
CA LYS A 9 -14.52 22.72 37.69
C LYS A 9 -14.38 21.97 39.02
N GLY A 10 -13.40 22.38 39.82
CA GLY A 10 -13.18 21.79 41.14
C GLY A 10 -12.26 20.57 41.10
N SER A 11 -12.34 19.77 42.16
CA SER A 11 -11.47 18.60 42.33
C SER A 11 -12.27 17.31 42.17
N HIS A 12 -11.89 16.50 41.19
CA HIS A 12 -12.58 15.25 40.89
C HIS A 12 -11.57 14.19 40.50
N SER A 13 -11.79 12.96 40.95
CA SER A 13 -10.81 11.89 40.78
C SER A 13 -11.40 10.64 40.13
N VAL A 14 -10.60 10.00 39.29
CA VAL A 14 -10.97 8.76 38.62
C VAL A 14 -9.86 7.72 38.79
N VAL A 15 -10.24 6.46 39.05
CA VAL A 15 -9.28 5.36 39.03
C VAL A 15 -9.61 4.49 37.80
N VAL A 16 -8.57 4.21 37.02
CA VAL A 16 -8.70 3.47 35.77
C VAL A 16 -8.03 2.13 35.97
N LEU A 17 -8.83 1.06 35.85
CA LEU A 17 -8.35 -0.31 36.00
C LEU A 17 -7.94 -0.81 34.63
N GLY A 18 -6.63 -0.97 34.45
CA GLY A 18 -6.06 -1.45 33.18
C GLY A 18 -5.49 -0.33 32.36
N GLY A 19 -4.23 -0.50 31.96
CA GLY A 19 -3.50 0.45 31.12
C GLY A 19 -3.26 -0.05 29.71
N GLY A 20 -4.30 -0.64 29.11
CA GLY A 20 -4.32 -0.90 27.67
C GLY A 20 -4.83 0.34 26.96
N PRO A 21 -5.26 0.19 25.70
CA PRO A 21 -5.72 1.37 24.96
C PRO A 21 -6.93 2.09 25.56
N ALA A 22 -7.94 1.35 26.01
CA ALA A 22 -9.10 2.01 26.62
C ALA A 22 -8.72 2.77 27.90
N GLY A 23 -7.91 2.18 28.76
CA GLY A 23 -7.54 2.79 30.02
C GLY A 23 -6.65 4.01 29.82
N LEU A 24 -5.68 3.88 28.93
CA LEU A 24 -4.75 4.97 28.70
C LEU A 24 -5.44 6.16 27.99
N CYS A 25 -6.30 5.86 27.03
CA CYS A 25 -7.07 6.92 26.37
C CYS A 25 -7.99 7.65 27.34
N SER A 26 -8.61 6.87 28.23
CA SER A 26 -9.46 7.45 29.27
C SER A 26 -8.67 8.41 30.15
N ALA A 27 -7.56 7.94 30.70
CA ALA A 27 -6.70 8.77 31.57
C ALA A 27 -6.16 10.02 30.89
N PHE A 28 -5.75 9.87 29.64
CA PHE A 28 -5.26 10.97 28.82
C PHE A 28 -6.29 12.08 28.68
N GLU A 29 -7.52 11.70 28.32
CA GLU A 29 -8.59 12.67 28.13
C GLU A 29 -9.06 13.28 29.45
N LEU A 30 -9.17 12.46 30.49
CA LEU A 30 -9.57 12.99 31.80
C LEU A 30 -8.58 14.03 32.32
N GLN A 31 -7.29 13.73 32.23
CA GLN A 31 -6.25 14.68 32.62
C GLN A 31 -6.37 16.01 31.88
N LYS A 32 -6.54 15.93 30.56
CA LYS A 32 -6.63 17.13 29.72
C LYS A 32 -7.77 18.06 30.18
N ALA A 33 -8.80 17.45 30.75
CA ALA A 33 -9.95 18.19 31.25
C ALA A 33 -9.75 18.69 32.69
N GLY A 34 -8.73 18.19 33.38
CA GLY A 34 -8.40 18.67 34.73
C GLY A 34 -8.77 17.72 35.87
N TYR A 35 -9.01 16.45 35.55
CA TYR A 35 -9.28 15.43 36.58
C TYR A 35 -7.98 14.87 37.13
N LYS A 36 -8.01 14.43 38.38
CA LYS A 36 -6.97 13.62 38.96
C LYS A 36 -7.24 12.19 38.54
N VAL A 37 -6.26 11.54 37.92
CA VAL A 37 -6.42 10.18 37.45
C VAL A 37 -5.25 9.30 37.85
N THR A 38 -5.57 8.06 38.24
CA THR A 38 -4.58 7.03 38.50
C THR A 38 -4.94 5.80 37.71
N VAL A 39 -3.98 5.31 36.94
CA VAL A 39 -4.12 4.05 36.21
C VAL A 39 -3.40 2.92 36.93
N LEU A 40 -4.12 1.81 37.12
CA LEU A 40 -3.53 0.59 37.67
C LEU A 40 -3.40 -0.44 36.54
N GLU A 41 -2.17 -0.87 36.29
CA GLU A 41 -1.88 -1.82 35.21
C GLU A 41 -1.09 -3.00 35.78
N ALA A 42 -1.56 -4.21 35.50
CA ALA A 42 -0.96 -5.44 36.03
C ALA A 42 0.42 -5.76 35.45
N ARG A 43 0.59 -5.44 34.16
CA ARG A 43 1.85 -5.68 33.47
C ARG A 43 2.84 -4.58 33.76
N THR A 44 4.07 -4.73 33.28
CA THR A 44 5.08 -3.68 33.41
C THR A 44 5.17 -2.79 32.17
N ARG A 45 4.32 -3.07 31.18
CA ARG A 45 4.28 -2.29 29.94
C ARG A 45 2.88 -1.70 29.78
N PRO A 46 2.77 -0.59 29.05
CA PRO A 46 1.48 -0.05 28.65
C PRO A 46 1.02 -0.67 27.33
N GLY A 47 -0.28 -0.88 27.17
CA GLY A 47 -0.82 -1.26 25.86
C GLY A 47 -1.66 -2.52 25.76
N GLY A 48 -1.53 -3.42 26.74
CA GLY A 48 -2.39 -4.62 26.80
C GLY A 48 -2.25 -5.54 25.59
N ARG A 49 -3.34 -5.70 24.84
CA ARG A 49 -3.31 -6.57 23.65
C ARG A 49 -2.59 -5.90 22.47
N VAL A 50 -2.18 -4.64 22.63
CA VAL A 50 -1.18 -4.03 21.74
C VAL A 50 0.20 -4.28 22.35
N TRP A 51 0.87 -5.32 21.84
CA TRP A 51 2.15 -5.80 22.35
C TRP A 51 3.12 -5.97 21.19
N THR A 52 4.29 -5.36 21.30
CA THR A 52 5.32 -5.49 20.26
C THR A 52 6.53 -6.23 20.84
N ALA A 53 6.86 -7.36 20.23
CA ALA A 53 7.98 -8.21 20.64
C ALA A 53 9.26 -7.69 20.01
N ARG A 54 10.23 -7.39 20.86
CA ARG A 54 11.59 -7.04 20.41
C ARG A 54 12.66 -7.69 21.31
N GLY A 55 13.91 -7.56 20.90
CA GLY A 55 15.01 -8.13 21.67
C GLY A 55 14.96 -7.65 23.10
N GLY A 56 14.93 -8.60 24.03
CA GLY A 56 14.79 -8.31 25.44
C GLY A 56 13.42 -8.66 26.01
N SER A 57 12.40 -8.74 25.16
CA SER A 57 11.06 -9.10 25.64
C SER A 57 11.08 -10.50 26.28
N GLU A 58 10.60 -10.60 27.52
CA GLU A 58 10.44 -11.88 28.19
C GLU A 58 8.97 -12.01 28.60
N GLU A 59 8.40 -13.19 28.37
CA GLU A 59 7.00 -13.45 28.72
C GLU A 59 6.87 -14.89 29.19
N THR A 60 6.25 -15.07 30.36
CA THR A 60 5.92 -16.40 30.88
C THR A 60 4.42 -16.58 30.68
N ASP A 61 4.03 -17.60 29.93
CA ASP A 61 2.62 -17.82 29.64
C ASP A 61 1.95 -18.69 30.72
N LEU A 62 0.64 -18.90 30.58
CA LEU A 62 -0.14 -19.58 31.64
C LEU A 62 0.13 -21.09 31.73
N SER A 63 0.98 -21.59 30.84
CA SER A 63 1.45 -22.98 30.88
C SER A 63 2.77 -23.06 31.64
N GLY A 64 3.32 -21.89 32.00
CA GLY A 64 4.56 -21.82 32.73
C GLY A 64 5.81 -21.74 31.86
N GLU A 65 5.62 -21.68 30.54
CA GLU A 65 6.77 -21.58 29.64
C GLU A 65 7.22 -20.13 29.53
N THR A 66 8.53 -19.91 29.63
CA THR A 66 9.13 -18.59 29.47
C THR A 66 9.86 -18.49 28.12
N GLN A 67 9.47 -17.48 27.33
CA GLN A 67 10.18 -17.13 26.10
C GLN A 67 10.97 -15.84 26.28
N LYS A 68 12.18 -15.81 25.71
CA LYS A 68 13.03 -14.62 25.72
C LYS A 68 13.36 -14.24 24.28
N CYS A 69 12.83 -13.09 23.86
CA CYS A 69 13.02 -12.64 22.48
C CYS A 69 14.40 -12.06 22.26
N THR A 70 15.05 -12.49 21.19
CA THR A 70 16.41 -12.03 20.89
C THR A 70 16.53 -11.41 19.49
N PHE A 71 15.46 -10.78 19.02
CA PHE A 71 15.53 -10.14 17.69
C PHE A 71 16.59 -9.06 17.68
N SER A 72 17.21 -8.89 16.52
CA SER A 72 18.23 -7.87 16.30
C SER A 72 17.67 -6.47 16.58
N GLU A 73 18.54 -5.55 16.98
CA GLU A 73 18.11 -4.19 17.29
C GLU A 73 17.39 -3.56 16.10
N GLY A 74 16.22 -2.97 16.36
CA GLY A 74 15.40 -2.35 15.33
C GLY A 74 14.40 -3.30 14.69
N HIS A 75 14.51 -4.59 14.97
CA HIS A 75 13.61 -5.58 14.40
C HIS A 75 12.58 -6.05 15.43
N PHE A 76 11.33 -6.22 14.97
CA PHE A 76 10.22 -6.50 15.87
C PHE A 76 9.05 -7.07 15.10
N TYR A 77 8.05 -7.56 15.84
CA TYR A 77 6.74 -7.72 15.22
C TYR A 77 5.66 -7.49 16.25
N ASN A 78 4.48 -7.14 15.75
CA ASN A 78 3.32 -6.89 16.57
C ASN A 78 2.59 -8.20 16.86
N VAL A 79 2.60 -8.61 18.13
CA VAL A 79 1.98 -9.86 18.55
C VAL A 79 0.46 -9.74 18.61
N GLY A 80 -0.03 -8.51 18.84
CA GLY A 80 -1.45 -8.19 18.78
C GLY A 80 -1.74 -7.26 17.61
N ALA A 81 -2.33 -6.09 17.90
CA ALA A 81 -2.66 -5.09 16.87
C ALA A 81 -1.47 -4.76 15.98
N THR A 82 -1.71 -4.72 14.66
CA THR A 82 -0.66 -4.39 13.72
C THR A 82 -1.03 -3.47 12.54
N ARG A 83 -2.33 -3.35 12.21
CA ARG A 83 -2.75 -2.61 11.01
C ARG A 83 -3.96 -1.71 11.29
N ILE A 84 -4.01 -0.54 10.65
CA ILE A 84 -5.06 0.46 10.93
C ILE A 84 -5.65 0.99 9.64
N PRO A 85 -6.99 0.90 9.47
CA PRO A 85 -7.64 1.51 8.31
C PRO A 85 -7.84 3.01 8.47
N GLN A 86 -8.12 3.69 7.37
CA GLN A 86 -8.09 5.16 7.34
C GLN A 86 -9.18 5.83 8.19
N SER A 87 -10.29 5.15 8.44
CA SER A 87 -11.41 5.74 9.17
C SER A 87 -11.27 5.70 10.69
N HIS A 88 -10.27 4.98 11.19
CA HIS A 88 -10.17 4.75 12.63
C HIS A 88 -9.55 5.94 13.36
N ILE A 89 -10.07 6.22 14.55
CA ILE A 89 -9.62 7.32 15.40
C ILE A 89 -8.21 7.04 15.94
N THR A 90 -7.74 5.80 15.79
CA THR A 90 -6.36 5.46 16.10
C THR A 90 -5.37 6.35 15.33
N LEU A 91 -5.68 6.68 14.08
CA LEU A 91 -4.82 7.57 13.30
C LEU A 91 -4.82 9.01 13.82
N ASP A 92 -5.99 9.47 14.29
CA ASP A 92 -6.09 10.78 14.90
C ASP A 92 -5.28 10.88 16.19
N TYR A 93 -5.25 9.80 16.98
CA TYR A 93 -4.39 9.77 18.16
C TYR A 93 -2.90 9.67 17.81
N CYS A 94 -2.56 9.01 16.70
CA CYS A 94 -1.17 9.04 16.25
C CYS A 94 -0.73 10.47 15.91
N ARG A 95 -1.63 11.25 15.32
CA ARG A 95 -1.31 12.64 15.02
C ARG A 95 -1.14 13.46 16.28
N GLU A 96 -2.10 13.34 17.20
CA GLU A 96 -2.05 14.11 18.45
C GLU A 96 -0.83 13.77 19.30
N LEU A 97 -0.42 12.50 19.27
CA LEU A 97 0.71 12.02 20.08
C LEU A 97 2.07 12.14 19.41
N GLY A 98 2.08 12.46 18.10
CA GLY A 98 3.32 12.59 17.35
C GLY A 98 3.97 11.24 17.04
N VAL A 99 3.14 10.24 16.79
CA VAL A 99 3.60 8.88 16.51
C VAL A 99 3.59 8.68 15.00
N GLU A 100 4.77 8.63 14.39
CA GLU A 100 4.89 8.53 12.94
C GLU A 100 4.33 7.22 12.42
N ILE A 101 3.59 7.28 11.31
CA ILE A 101 3.01 6.09 10.68
C ILE A 101 3.58 5.84 9.29
N GLN A 102 3.50 4.60 8.84
CA GLN A 102 3.95 4.21 7.52
C GLN A 102 2.90 3.26 6.92
N GLY A 103 2.95 3.07 5.62
CA GLY A 103 2.03 2.14 4.97
C GLY A 103 2.23 0.69 5.42
N PHE A 104 1.10 0.00 5.66
CA PHE A 104 1.09 -1.43 5.94
C PHE A 104 0.65 -2.16 4.69
N GLY A 105 1.43 -3.14 4.25
CA GLY A 105 1.08 -3.86 3.03
C GLY A 105 0.02 -4.92 3.32
N ASN A 106 -1.24 -4.59 3.09
CA ASN A 106 -2.35 -5.52 3.35
C ASN A 106 -2.82 -6.26 2.10
N GLN A 107 -2.27 -5.90 0.95
CA GLN A 107 -2.61 -6.52 -0.34
C GLN A 107 -1.32 -6.56 -1.17
N ASN A 108 -1.03 -7.68 -1.82
CA ASN A 108 0.17 -7.81 -2.63
C ASN A 108 -0.06 -8.85 -3.70
N ALA A 109 0.13 -8.43 -4.95
CA ALA A 109 0.02 -9.30 -6.11
C ALA A 109 1.02 -10.47 -6.13
N ASN A 110 2.16 -10.31 -5.46
CA ASN A 110 3.27 -11.26 -5.51
C ASN A 110 3.28 -12.29 -4.39
N THR A 111 2.47 -12.12 -3.35
CA THR A 111 2.35 -13.16 -2.31
C THR A 111 1.49 -14.31 -2.86
N PHE A 112 1.43 -15.42 -2.13
CA PHE A 112 0.87 -16.66 -2.65
C PHE A 112 -0.44 -17.04 -1.98
N VAL A 113 -1.27 -17.76 -2.73
CA VAL A 113 -2.37 -18.51 -2.15
C VAL A 113 -2.07 -20.01 -2.30
N ASN A 114 -2.52 -20.80 -1.33
CA ASN A 114 -2.20 -22.23 -1.33
C ASN A 114 -3.28 -22.99 -0.56
N TYR A 115 -4.10 -23.73 -1.29
CA TYR A 115 -5.25 -24.44 -0.72
C TYR A 115 -5.31 -25.86 -1.22
N GLN A 116 -5.95 -26.70 -0.42
CA GLN A 116 -6.28 -28.06 -0.83
C GLN A 116 -7.57 -28.04 -1.65
N SER A 117 -7.68 -28.96 -2.60
CA SER A 117 -8.87 -29.09 -3.44
C SER A 117 -8.81 -30.44 -4.16
N ASP A 118 -9.86 -30.77 -4.91
CA ASP A 118 -9.82 -31.98 -5.74
C ASP A 118 -9.45 -31.60 -7.18
N THR A 119 -8.34 -30.87 -7.30
CA THR A 119 -7.78 -30.46 -8.58
C THR A 119 -6.27 -30.64 -8.52
N SER A 120 -5.64 -30.39 -9.66
CA SER A 120 -4.18 -30.38 -9.76
C SER A 120 -3.53 -29.17 -9.10
N LEU A 121 -4.34 -28.19 -8.68
CA LEU A 121 -3.83 -27.03 -7.95
C LEU A 121 -3.80 -27.25 -6.43
N SER A 122 -4.24 -28.42 -5.97
CA SER A 122 -4.26 -28.75 -4.55
C SER A 122 -2.87 -28.65 -3.92
N GLY A 123 -2.71 -27.75 -2.96
CA GLY A 123 -1.45 -27.56 -2.27
C GLY A 123 -0.37 -26.89 -3.09
N GLN A 124 -0.74 -26.31 -4.23
CA GLN A 124 0.19 -25.61 -5.11
C GLN A 124 0.08 -24.13 -4.82
N SER A 125 1.23 -23.46 -4.72
CA SER A 125 1.25 -22.02 -4.51
C SER A 125 1.07 -21.29 -5.83
N VAL A 126 0.17 -20.30 -5.82
CA VAL A 126 -0.14 -19.47 -6.99
C VAL A 126 -0.09 -18.01 -6.53
N THR A 127 0.57 -17.12 -7.27
CA THR A 127 0.60 -15.71 -6.88
C THR A 127 -0.81 -15.14 -6.96
N TYR A 128 -1.10 -14.17 -6.10
CA TYR A 128 -2.38 -13.48 -6.17
C TYR A 128 -2.66 -12.96 -7.57
N ARG A 129 -1.66 -12.37 -8.24
CA ARG A 129 -1.95 -11.80 -9.56
C ARG A 129 -2.33 -12.87 -10.59
N ALA A 130 -1.71 -14.04 -10.52
CA ALA A 130 -2.07 -15.14 -11.42
C ALA A 130 -3.45 -15.71 -11.07
N ALA A 131 -3.71 -15.88 -9.78
CA ALA A 131 -5.01 -16.37 -9.31
C ALA A 131 -6.14 -15.40 -9.71
N LYS A 132 -5.89 -14.11 -9.53
CA LYS A 132 -6.89 -13.10 -9.90
C LYS A 132 -7.12 -13.02 -11.43
N ALA A 133 -6.04 -13.06 -12.19
CA ALA A 133 -6.15 -12.99 -13.64
C ALA A 133 -6.95 -14.17 -14.21
N ASP A 134 -6.70 -15.36 -13.70
CA ASP A 134 -7.44 -16.54 -14.17
C ASP A 134 -8.91 -16.50 -13.69
N THR A 135 -9.10 -16.23 -12.41
CA THR A 135 -10.45 -16.19 -11.83
C THR A 135 -11.31 -15.11 -12.49
N PHE A 136 -10.79 -13.89 -12.59
CA PHE A 136 -11.59 -12.80 -13.18
C PHE A 136 -11.67 -12.92 -14.68
N GLY A 137 -10.68 -13.56 -15.29
CA GLY A 137 -10.73 -13.84 -16.72
C GLY A 137 -11.87 -14.79 -17.08
N TYR A 138 -11.94 -15.94 -16.40
CA TYR A 138 -13.01 -16.91 -16.68
C TYR A 138 -14.38 -16.40 -16.19
N MET A 139 -14.40 -15.75 -15.03
CA MET A 139 -15.65 -15.11 -14.54
C MET A 139 -16.20 -14.18 -15.60
N SER A 140 -15.34 -13.34 -16.15
CA SER A 140 -15.73 -12.38 -17.17
C SER A 140 -16.17 -13.05 -18.46
N GLU A 141 -15.43 -14.08 -18.87
CA GLU A 141 -15.84 -14.86 -20.04
C GLU A 141 -17.24 -15.43 -19.87
N LEU A 142 -17.49 -16.04 -18.70
CA LEU A 142 -18.77 -16.70 -18.46
C LEU A 142 -19.92 -15.68 -18.43
N LEU A 143 -19.72 -14.54 -17.79
CA LEU A 143 -20.80 -13.53 -17.74
C LEU A 143 -21.05 -12.91 -19.12
N LYS A 144 -20.00 -12.73 -19.89
CA LYS A 144 -20.16 -12.26 -21.27
C LYS A 144 -20.91 -13.29 -22.11
N LYS A 145 -20.59 -14.56 -21.92
CA LYS A 145 -21.25 -15.65 -22.65
C LYS A 145 -22.75 -15.66 -22.33
N ALA A 146 -23.08 -15.53 -21.04
CA ALA A 146 -24.48 -15.53 -20.62
C ALA A 146 -25.23 -14.34 -21.19
N THR A 147 -24.59 -13.18 -21.21
CA THR A 147 -25.16 -11.94 -21.76
C THR A 147 -25.45 -12.06 -23.25
N ASP A 148 -24.47 -12.57 -24.00
CA ASP A 148 -24.60 -12.75 -25.45
C ASP A 148 -25.71 -13.73 -25.80
N GLN A 149 -25.82 -14.77 -24.97
CA GLN A 149 -26.83 -15.82 -25.10
C GLN A 149 -28.26 -15.29 -24.99
N GLY A 150 -28.44 -14.21 -24.24
CA GLY A 150 -29.76 -13.62 -24.00
C GLY A 150 -30.33 -13.95 -22.63
N ALA A 151 -29.49 -14.53 -21.77
CA ALA A 151 -29.93 -15.00 -20.44
C ALA A 151 -30.33 -13.85 -19.52
N LEU A 152 -29.82 -12.65 -19.81
CA LEU A 152 -30.06 -11.50 -18.96
C LEU A 152 -30.84 -10.41 -19.70
N ASP A 153 -31.62 -10.83 -20.71
CA ASP A 153 -32.37 -9.88 -21.54
C ASP A 153 -33.58 -9.26 -20.80
N GLN A 154 -34.01 -9.89 -19.71
CA GLN A 154 -35.15 -9.38 -18.93
C GLN A 154 -34.73 -8.36 -17.87
N VAL A 155 -33.42 -8.24 -17.64
CA VAL A 155 -32.91 -7.27 -16.64
C VAL A 155 -31.90 -6.28 -17.21
N LEU A 156 -31.43 -6.50 -18.44
CA LEU A 156 -30.49 -5.59 -19.10
C LEU A 156 -31.02 -5.18 -20.47
N SER A 157 -30.95 -3.89 -20.77
CA SER A 157 -31.29 -3.38 -22.09
C SER A 157 -30.17 -3.69 -23.07
N ARG A 158 -30.40 -3.40 -24.36
CA ARG A 158 -29.38 -3.55 -25.39
C ARG A 158 -28.14 -2.72 -25.06
N GLU A 159 -28.38 -1.50 -24.59
CA GLU A 159 -27.30 -0.56 -24.26
C GLU A 159 -26.56 -0.99 -23.00
N ASP A 160 -27.29 -1.54 -22.03
CA ASP A 160 -26.70 -2.08 -20.82
C ASP A 160 -25.76 -3.24 -21.16
N LYS A 161 -26.24 -4.16 -21.99
CA LYS A 161 -25.46 -5.33 -22.40
C LYS A 161 -24.15 -4.93 -23.08
N ASP A 162 -24.19 -3.90 -23.93
CA ASP A 162 -22.98 -3.46 -24.61
C ASP A 162 -22.01 -2.83 -23.61
N ALA A 163 -22.55 -2.03 -22.68
CA ALA A 163 -21.74 -1.43 -21.61
C ALA A 163 -21.10 -2.48 -20.73
N LEU A 164 -21.89 -3.50 -20.36
CA LEU A 164 -21.39 -4.59 -19.54
C LEU A 164 -20.33 -5.39 -20.28
N SER A 165 -20.57 -5.67 -21.56
CA SER A 165 -19.61 -6.42 -22.37
C SER A 165 -18.27 -5.69 -22.47
N GLU A 166 -18.34 -4.38 -22.66
CA GLU A 166 -17.13 -3.53 -22.74
C GLU A 166 -16.33 -3.64 -21.45
N PHE A 167 -17.00 -3.49 -20.31
CA PHE A 167 -16.34 -3.62 -19.01
C PHE A 167 -15.73 -5.02 -18.79
N LEU A 168 -16.43 -6.05 -19.20
CA LEU A 168 -16.00 -7.42 -18.97
C LEU A 168 -14.78 -7.80 -19.81
N SER A 169 -14.74 -7.27 -21.03
CA SER A 169 -13.60 -7.50 -21.91
C SER A 169 -12.33 -6.90 -21.30
N ASP A 170 -12.47 -5.74 -20.68
CA ASP A 170 -11.35 -5.05 -20.05
C ASP A 170 -11.00 -5.69 -18.70
N PHE A 171 -12.01 -5.89 -17.85
CA PHE A 171 -11.81 -6.43 -16.52
C PHE A 171 -11.17 -7.82 -16.57
N GLY A 172 -11.63 -8.66 -17.49
CA GLY A 172 -11.11 -10.01 -17.65
C GLY A 172 -9.98 -10.16 -18.66
N ASP A 173 -9.56 -9.05 -19.29
CA ASP A 173 -8.56 -9.06 -20.36
C ASP A 173 -8.88 -10.11 -21.44
N LEU A 174 -10.12 -10.06 -21.93
CA LEU A 174 -10.60 -11.05 -22.89
C LEU A 174 -10.09 -10.76 -24.29
N SER A 175 -10.00 -11.82 -25.08
CA SER A 175 -9.73 -11.70 -26.52
C SER A 175 -10.84 -10.91 -27.20
N ASP A 176 -10.62 -10.58 -28.47
CA ASP A 176 -11.60 -9.82 -29.24
C ASP A 176 -12.92 -10.58 -29.43
N ASP A 177 -12.85 -11.91 -29.41
CA ASP A 177 -14.05 -12.75 -29.59
C ASP A 177 -14.65 -13.25 -28.27
N GLY A 178 -14.15 -12.72 -27.16
CA GLY A 178 -14.77 -12.94 -25.84
C GLY A 178 -14.25 -14.08 -24.98
N ARG A 179 -13.05 -14.57 -25.27
CA ARG A 179 -12.46 -15.69 -24.52
C ARG A 179 -11.29 -15.25 -23.63
N TYR A 180 -11.19 -15.81 -22.43
CA TYR A 180 -9.99 -15.63 -21.63
C TYR A 180 -8.94 -16.62 -22.12
N LEU A 181 -7.79 -16.09 -22.57
CA LEU A 181 -6.69 -16.91 -23.10
C LEU A 181 -5.37 -16.57 -22.41
N GLY A 182 -5.44 -15.99 -21.21
CA GLY A 182 -4.26 -15.57 -20.47
C GLY A 182 -4.08 -14.07 -20.47
N SER A 183 -3.03 -13.59 -19.82
CA SER A 183 -2.83 -12.15 -19.64
C SER A 183 -1.43 -11.88 -19.10
N SER A 184 -0.91 -10.72 -19.47
CA SER A 184 0.29 -10.18 -18.83
C SER A 184 0.05 -9.93 -17.33
N ARG A 185 -1.21 -9.77 -16.96
CA ARG A 185 -1.60 -9.57 -15.56
C ARG A 185 -1.21 -10.75 -14.66
N ARG A 186 -0.97 -11.91 -15.25
CA ARG A 186 -0.54 -13.09 -14.48
C ARG A 186 0.91 -12.98 -14.03
N GLY A 187 1.68 -12.13 -14.70
CA GLY A 187 3.12 -12.10 -14.47
C GLY A 187 3.91 -12.88 -15.51
N TYR A 188 5.18 -13.06 -15.19
CA TYR A 188 6.17 -13.52 -16.17
C TYR A 188 7.15 -14.52 -15.55
N ASP A 189 7.48 -15.54 -16.32
CA ASP A 189 8.56 -16.47 -15.94
C ASP A 189 9.92 -15.87 -16.29
N SER A 190 9.95 -14.95 -17.27
CA SER A 190 11.15 -14.17 -17.55
C SER A 190 10.72 -12.72 -17.77
N GLU A 191 11.35 -11.81 -17.03
CA GLU A 191 10.93 -10.42 -16.97
C GLU A 191 11.21 -9.71 -18.29
N PRO A 192 10.24 -8.94 -18.80
CA PRO A 192 10.52 -8.14 -20.00
C PRO A 192 11.63 -7.13 -19.79
N GLY A 193 12.59 -7.09 -20.71
CA GLY A 193 13.72 -6.20 -20.61
C GLY A 193 13.86 -5.33 -21.84
N ALA A 194 15.10 -5.13 -22.27
CA ALA A 194 15.39 -4.22 -23.35
C ALA A 194 15.57 -4.96 -24.67
N GLY A 195 15.54 -4.20 -25.77
CA GLY A 195 15.76 -4.77 -27.10
C GLY A 195 14.71 -5.79 -27.45
N LEU A 196 15.16 -6.99 -27.82
CA LEU A 196 14.27 -8.08 -28.19
C LEU A 196 14.05 -9.07 -27.05
N ASN A 197 14.33 -8.63 -25.81
CA ASN A 197 14.10 -9.43 -24.61
C ASN A 197 12.67 -9.14 -24.15
N PHE A 198 11.69 -9.80 -24.76
CA PHE A 198 10.28 -9.51 -24.50
C PHE A 198 9.77 -10.13 -23.19
N GLY A 199 10.51 -11.07 -22.62
CA GLY A 199 10.00 -11.84 -21.49
C GLY A 199 9.02 -12.91 -21.94
N THR A 200 8.61 -13.75 -20.99
CA THR A 200 7.70 -14.85 -21.27
C THR A 200 6.60 -14.87 -20.21
N GLU A 201 5.36 -14.69 -20.64
CA GLU A 201 4.22 -14.68 -19.73
C GLU A 201 4.01 -16.05 -19.10
N LYS A 202 3.47 -16.05 -17.88
CA LYS A 202 3.03 -17.27 -17.23
C LYS A 202 1.69 -17.68 -17.84
N LYS A 203 1.59 -18.93 -18.27
CA LYS A 203 0.38 -19.38 -18.96
C LYS A 203 -0.77 -19.66 -18.00
N PRO A 204 -2.02 -19.55 -18.50
CA PRO A 204 -3.17 -19.71 -17.62
C PRO A 204 -3.54 -21.15 -17.28
N PHE A 205 -4.10 -21.35 -16.09
CA PHE A 205 -4.71 -22.62 -15.74
C PHE A 205 -6.04 -22.77 -16.48
N ALA A 206 -6.56 -23.99 -16.53
CA ALA A 206 -7.83 -24.27 -17.24
C ALA A 206 -9.03 -23.86 -16.40
N MET A 207 -10.17 -23.59 -17.05
CA MET A 207 -11.33 -23.02 -16.37
C MET A 207 -11.85 -23.89 -15.22
N GLN A 208 -12.11 -25.17 -15.46
CA GLN A 208 -12.65 -26.01 -14.39
C GLN A 208 -11.68 -26.16 -13.22
N GLU A 209 -10.38 -26.30 -13.50
CA GLU A 209 -9.37 -26.34 -12.44
C GLU A 209 -9.49 -25.10 -11.57
N VAL A 210 -9.57 -23.93 -12.22
CA VAL A 210 -9.57 -22.65 -11.50
C VAL A 210 -10.81 -22.51 -10.59
N ILE A 211 -11.98 -22.85 -11.12
CA ILE A 211 -13.21 -22.77 -10.34
C ILE A 211 -13.22 -23.77 -9.18
N ARG A 212 -12.81 -25.01 -9.45
CA ARG A 212 -12.86 -26.05 -8.42
C ARG A 212 -11.73 -25.96 -7.39
N SER A 213 -10.64 -25.27 -7.73
CA SER A 213 -9.51 -25.08 -6.77
C SER A 213 -9.83 -24.15 -5.60
N GLY A 214 -10.78 -23.25 -5.82
CA GLY A 214 -11.08 -22.20 -4.86
C GLY A 214 -9.95 -21.21 -4.64
N ILE A 215 -9.15 -20.94 -5.67
CA ILE A 215 -8.00 -20.05 -5.46
C ILE A 215 -8.43 -18.59 -5.28
N GLY A 216 -9.70 -18.29 -5.55
CA GLY A 216 -10.24 -16.96 -5.30
C GLY A 216 -10.98 -16.79 -4.00
N ARG A 217 -10.90 -17.78 -3.09
CA ARG A 217 -11.71 -17.76 -1.87
C ARG A 217 -11.35 -16.62 -0.91
N ASN A 218 -10.16 -16.05 -1.04
CA ASN A 218 -9.74 -14.97 -0.13
C ASN A 218 -9.75 -13.59 -0.79
N PHE A 219 -10.17 -13.48 -2.06
CA PHE A 219 -10.08 -12.17 -2.74
C PHE A 219 -10.93 -11.11 -2.07
N SER A 220 -12.09 -11.52 -1.54
CA SER A 220 -12.98 -10.53 -0.90
C SER A 220 -12.38 -9.89 0.35
N PHE A 221 -11.30 -10.46 0.91
CA PHE A 221 -10.60 -9.82 2.04
C PHE A 221 -10.19 -8.39 1.68
N ASP A 222 -9.80 -8.20 0.43
CA ASP A 222 -9.33 -6.89 -0.09
C ASP A 222 -10.41 -5.81 0.15
N PHE A 223 -11.68 -6.23 0.21
CA PHE A 223 -12.81 -5.29 0.25
C PHE A 223 -13.31 -4.98 1.67
N GLY A 224 -12.81 -5.69 2.67
CA GLY A 224 -13.30 -5.45 4.03
C GLY A 224 -13.22 -3.97 4.36
N TYR A 225 -14.26 -3.45 5.00
CA TYR A 225 -14.26 -2.03 5.31
C TYR A 225 -13.01 -1.65 6.12
N ASP A 226 -12.61 -2.51 7.06
CA ASP A 226 -11.49 -2.22 7.97
CA ASP A 226 -11.50 -2.21 7.96
C ASP A 226 -10.17 -2.84 7.50
N GLN A 227 -10.16 -3.39 6.29
CA GLN A 227 -8.95 -4.07 5.76
C GLN A 227 -8.50 -3.55 4.37
N ALA A 228 -9.38 -2.88 3.64
CA ALA A 228 -9.03 -2.41 2.29
C ALA A 228 -7.88 -1.41 2.33
N MET A 229 -6.96 -1.52 1.38
CA MET A 229 -5.90 -0.53 1.25
C MET A 229 -6.52 0.83 0.94
N MET A 230 -5.91 1.91 1.41
CA MET A 230 -4.63 1.93 2.11
C MET A 230 -4.78 1.68 3.62
N MET A 231 -3.84 0.92 4.17
CA MET A 231 -3.75 0.59 5.59
C MET A 231 -2.43 1.13 6.12
N PHE A 232 -2.37 1.34 7.45
CA PHE A 232 -1.21 1.98 8.08
C PHE A 232 -0.81 1.34 9.40
N THR A 233 0.41 1.68 9.85
CA THR A 233 0.93 1.13 11.09
C THR A 233 2.05 2.05 11.61
N PRO A 234 2.23 2.14 12.94
CA PRO A 234 3.29 3.02 13.44
C PRO A 234 4.71 2.50 13.16
N VAL A 235 5.57 3.40 12.72
CA VAL A 235 6.98 3.08 12.55
C VAL A 235 7.56 2.60 13.89
N GLY A 236 8.18 1.43 13.88
CA GLY A 236 8.83 0.90 15.08
C GLY A 236 7.96 0.11 16.02
N GLY A 237 6.68 -0.08 15.69
CA GLY A 237 5.81 -0.95 16.49
C GLY A 237 4.52 -0.27 16.92
N MET A 238 3.45 -1.03 17.00
CA MET A 238 2.15 -0.49 17.39
C MET A 238 2.17 0.03 18.83
N ASP A 239 3.06 -0.53 19.66
CA ASP A 239 3.13 -0.14 21.08
C ASP A 239 3.63 1.29 21.27
N ARG A 240 4.15 1.90 20.20
CA ARG A 240 4.62 3.28 20.27
C ARG A 240 3.49 4.27 20.60
N ILE A 241 2.27 3.94 20.19
CA ILE A 241 1.11 4.77 20.54
C ILE A 241 0.95 4.82 22.06
N TYR A 242 1.11 3.67 22.70
CA TYR A 242 0.80 3.54 24.11
C TYR A 242 1.94 3.94 25.03
N TYR A 243 3.18 3.82 24.56
CA TYR A 243 4.29 4.50 25.24
C TYR A 243 4.14 6.03 25.16
N ALA A 244 3.62 6.54 24.04
CA ALA A 244 3.35 7.97 23.90
C ALA A 244 2.22 8.43 24.83
N PHE A 245 1.15 7.64 24.93
CA PHE A 245 0.10 7.94 25.94
C PHE A 245 0.73 7.93 27.34
N GLN A 246 1.51 6.90 27.66
CA GLN A 246 2.18 6.77 28.96
C GLN A 246 2.94 8.05 29.30
N ASP A 247 3.74 8.51 28.34
CA ASP A 247 4.56 9.69 28.56
C ASP A 247 3.76 10.96 28.79
N ARG A 248 2.65 11.11 28.07
CA ARG A 248 1.78 12.28 28.25
C ARG A 248 1.04 12.25 29.60
N ILE A 249 0.56 11.08 29.98
CA ILE A 249 -0.12 10.90 31.27
C ILE A 249 0.85 11.11 32.43
N GLY A 250 2.07 10.63 32.27
CA GLY A 250 3.08 10.66 33.32
C GLY A 250 3.11 9.34 34.09
N THR A 251 4.28 8.73 34.20
CA THR A 251 4.44 7.50 35.00
C THR A 251 4.10 7.68 36.48
N ASP A 252 4.06 8.93 36.96
CA ASP A 252 3.61 9.19 38.34
C ASP A 252 2.13 8.84 38.52
N ASN A 253 1.36 8.85 37.42
CA ASN A 253 -0.08 8.59 37.48
C ASN A 253 -0.45 7.15 37.08
N ILE A 254 0.57 6.35 36.80
CA ILE A 254 0.36 4.95 36.42
C ILE A 254 1.15 4.06 37.34
N VAL A 255 0.46 3.11 37.99
CA VAL A 255 1.11 2.09 38.80
C VAL A 255 1.20 0.80 37.97
N PHE A 256 2.41 0.48 37.53
CA PHE A 256 2.66 -0.77 36.83
C PHE A 256 2.91 -1.90 37.83
N GLY A 257 2.71 -3.15 37.39
CA GLY A 257 2.85 -4.29 38.29
C GLY A 257 1.80 -4.26 39.38
N ALA A 258 0.66 -3.65 39.07
CA ALA A 258 -0.44 -3.50 40.02
C ALA A 258 -1.57 -4.43 39.64
N GLU A 259 -1.68 -5.56 40.32
CA GLU A 259 -2.75 -6.52 40.06
C GLU A 259 -3.96 -6.21 40.91
N VAL A 260 -5.03 -5.78 40.25
CA VAL A 260 -6.26 -5.45 40.94
C VAL A 260 -6.91 -6.75 41.40
N THR A 261 -7.35 -6.75 42.66
CA THR A 261 -8.01 -7.89 43.27
C THR A 261 -9.44 -7.61 43.73
N SER A 262 -9.77 -6.34 43.94
CA SER A 262 -11.10 -5.95 44.43
C SER A 262 -11.54 -4.62 43.82
N MET A 263 -12.82 -4.52 43.50
CA MET A 263 -13.42 -3.27 42.99
C MET A 263 -14.83 -3.15 43.56
N LYS A 264 -15.07 -2.13 44.39
CA LYS A 264 -16.37 -1.99 45.05
C LYS A 264 -16.84 -0.56 45.05
N ASN A 265 -18.12 -0.39 44.74
CA ASN A 265 -18.80 0.88 45.01
C ASN A 265 -18.82 1.11 46.52
N VAL A 266 -18.44 2.31 46.94
CA VAL A 266 -18.49 2.71 48.35
C VAL A 266 -19.12 4.11 48.45
N SER A 267 -19.40 4.55 49.67
CA SER A 267 -20.05 5.85 49.87
C SER A 267 -19.42 6.98 49.07
N GLU A 268 -18.10 7.10 49.16
CA GLU A 268 -17.38 8.22 48.57
C GLU A 268 -16.94 8.00 47.10
N GLY A 269 -17.33 6.86 46.52
CA GLY A 269 -17.04 6.59 45.10
C GLY A 269 -16.76 5.13 44.84
N VAL A 270 -15.52 4.80 44.53
CA VAL A 270 -15.12 3.43 44.25
C VAL A 270 -13.76 3.15 44.87
N THR A 271 -13.68 2.05 45.63
CA THR A 271 -12.43 1.62 46.25
C THR A 271 -11.92 0.36 45.55
N VAL A 272 -10.66 0.44 45.14
CA VAL A 272 -10.01 -0.62 44.37
C VAL A 272 -8.80 -1.08 45.15
N GLU A 273 -8.76 -2.38 45.46
CA GLU A 273 -7.63 -2.97 46.14
C GLU A 273 -6.77 -3.68 45.10
N TYR A 274 -5.46 -3.59 45.30
CA TYR A 274 -4.50 -4.16 44.35
C TYR A 274 -3.20 -4.49 45.04
N THR A 275 -2.49 -5.46 44.48
CA THR A 275 -1.17 -5.85 44.98
C THR A 275 -0.12 -5.26 44.06
N ALA A 276 0.85 -4.57 44.66
CA ALA A 276 1.96 -4.00 43.92
C ALA A 276 3.16 -3.98 44.84
N GLY A 277 4.32 -4.41 44.32
CA GLY A 277 5.51 -4.50 45.15
C GLY A 277 5.39 -5.51 46.29
N GLY A 278 4.51 -6.49 46.10
CA GLY A 278 4.25 -7.50 47.12
C GLY A 278 3.22 -7.10 48.17
N SER A 279 2.84 -5.83 48.16
CA SER A 279 2.03 -5.22 49.21
C SER A 279 0.59 -5.06 48.76
N LYS A 280 -0.33 -5.27 49.71
CA LYS A 280 -1.75 -4.97 49.52
C LYS A 280 -1.98 -3.47 49.65
N LYS A 281 -2.49 -2.85 48.58
CA LYS A 281 -2.75 -1.43 48.55
C LYS A 281 -4.22 -1.17 48.21
N SER A 282 -4.67 0.04 48.56
CA SER A 282 -6.03 0.45 48.29
C SER A 282 -6.03 1.87 47.77
N ILE A 283 -6.90 2.14 46.81
CA ILE A 283 -7.11 3.50 46.34
C ILE A 283 -8.62 3.75 46.19
N THR A 284 -9.06 4.95 46.57
CA THR A 284 -10.45 5.34 46.44
C THR A 284 -10.51 6.57 45.55
N ALA A 285 -11.45 6.57 44.61
CA ALA A 285 -11.65 7.73 43.73
C ALA A 285 -13.15 7.96 43.53
N ASP A 286 -13.50 9.12 43.00
CA ASP A 286 -14.91 9.49 42.82
C ASP A 286 -15.61 8.57 41.84
N TYR A 287 -14.88 8.17 40.79
CA TYR A 287 -15.40 7.28 39.77
C TYR A 287 -14.36 6.22 39.45
N ALA A 288 -14.80 5.13 38.84
CA ALA A 288 -13.87 4.12 38.30
C ALA A 288 -14.23 3.83 36.85
N ILE A 289 -13.20 3.63 36.03
CA ILE A 289 -13.36 3.08 34.67
C ILE A 289 -12.63 1.74 34.58
N CYS A 290 -13.41 0.65 34.51
CA CYS A 290 -12.88 -0.70 34.49
C CYS A 290 -12.73 -1.23 33.06
N THR A 291 -11.47 -1.37 32.62
CA THR A 291 -11.15 -1.88 31.27
C THR A 291 -10.56 -3.28 31.26
N ILE A 292 -10.56 -3.93 32.41
CA ILE A 292 -10.15 -5.32 32.51
C ILE A 292 -11.08 -6.21 31.65
N PRO A 293 -10.51 -7.18 30.90
CA PRO A 293 -11.35 -7.97 30.01
C PRO A 293 -12.53 -8.65 30.76
N PRO A 294 -13.71 -8.66 30.16
CA PRO A 294 -14.92 -8.97 30.92
C PRO A 294 -14.92 -10.32 31.62
N HIS A 295 -14.30 -11.34 31.01
CA HIS A 295 -14.17 -12.67 31.63
C HIS A 295 -13.26 -12.70 32.86
N LEU A 296 -12.44 -11.66 33.02
CA LEU A 296 -11.53 -11.56 34.17
C LEU A 296 -12.13 -10.72 35.29
N VAL A 297 -13.16 -9.93 35.00
CA VAL A 297 -13.77 -9.05 36.00
C VAL A 297 -14.46 -9.87 37.10
N GLY A 298 -15.12 -10.96 36.73
CA GLY A 298 -15.78 -11.84 37.71
C GLY A 298 -14.88 -12.39 38.80
N ARG A 299 -13.60 -12.58 38.47
CA ARG A 299 -12.62 -13.09 39.43
C ARG A 299 -12.32 -12.11 40.57
N LEU A 300 -12.51 -10.82 40.34
CA LEU A 300 -12.30 -9.82 41.36
C LEU A 300 -13.33 -9.96 42.48
N GLN A 301 -12.93 -9.61 43.69
CA GLN A 301 -13.92 -9.32 44.73
C GLN A 301 -14.67 -8.07 44.29
N ASN A 302 -15.98 -8.08 44.43
CA ASN A 302 -16.79 -6.97 43.96
C ASN A 302 -18.15 -6.94 44.64
N ASN A 303 -18.87 -5.84 44.45
CA ASN A 303 -20.26 -5.75 44.88
C ASN A 303 -21.19 -5.39 43.72
N LEU A 304 -20.87 -5.92 42.54
CA LEU A 304 -21.69 -5.73 41.36
C LEU A 304 -23.00 -6.55 41.47
N PRO A 305 -24.10 -6.02 40.93
CA PRO A 305 -25.35 -6.78 41.00
C PRO A 305 -25.30 -8.04 40.14
N GLY A 306 -26.10 -9.04 40.52
CA GLY A 306 -26.08 -10.33 39.84
C GLY A 306 -26.29 -10.25 38.34
N ASP A 307 -27.15 -9.33 37.90
CA ASP A 307 -27.46 -9.22 36.48
C ASP A 307 -26.29 -8.61 35.67
N VAL A 308 -25.43 -7.86 36.36
CA VAL A 308 -24.21 -7.33 35.74
C VAL A 308 -23.14 -8.42 35.63
N LEU A 309 -23.02 -9.23 36.68
CA LEU A 309 -22.11 -10.38 36.66
C LEU A 309 -22.50 -11.40 35.57
N THR A 310 -23.79 -11.62 35.39
CA THR A 310 -24.28 -12.49 34.32
C THR A 310 -23.99 -11.90 32.94
N ALA A 311 -24.22 -10.60 32.78
CA ALA A 311 -23.95 -9.92 31.50
C ALA A 311 -22.48 -10.01 31.08
N LEU A 312 -21.57 -9.91 32.05
CA LEU A 312 -20.13 -10.01 31.78
C LEU A 312 -19.73 -11.38 31.23
N LYS A 313 -20.46 -12.42 31.63
CA LYS A 313 -20.17 -13.78 31.16
C LYS A 313 -20.54 -14.02 29.69
N ALA A 314 -21.41 -13.18 29.14
CA ALA A 314 -21.87 -13.34 27.76
C ALA A 314 -20.78 -13.00 26.74
N ALA A 315 -19.78 -12.22 27.15
CA ALA A 315 -18.66 -11.86 26.28
C ALA A 315 -17.65 -13.00 26.27
N LYS A 316 -17.82 -13.94 25.35
CA LYS A 316 -17.02 -15.16 25.39
C LYS A 316 -15.62 -14.89 24.83
N PRO A 317 -14.59 -15.41 25.51
CA PRO A 317 -13.23 -15.22 25.05
C PRO A 317 -12.93 -16.02 23.77
N SER A 318 -11.88 -15.63 23.07
CA SER A 318 -11.52 -16.32 21.83
C SER A 318 -10.02 -16.56 21.73
N SER A 319 -9.67 -17.40 20.77
CA SER A 319 -8.30 -17.81 20.55
C SER A 319 -7.69 -17.11 19.35
N SER A 320 -6.47 -16.60 19.53
CA SER A 320 -5.67 -16.09 18.40
C SER A 320 -4.21 -16.04 18.81
N GLY A 321 -3.32 -16.18 17.84
CA GLY A 321 -1.90 -16.14 18.15
C GLY A 321 -1.06 -15.86 16.92
N LYS A 322 0.19 -15.52 17.18
CA LYS A 322 1.16 -15.19 16.14
C LYS A 322 2.52 -15.77 16.54
N LEU A 323 3.32 -16.05 15.51
CA LEU A 323 4.73 -16.43 15.71
C LEU A 323 5.56 -15.67 14.70
N GLY A 324 6.65 -15.06 15.18
CA GLY A 324 7.57 -14.31 14.34
C GLY A 324 8.91 -15.01 14.29
N ILE A 325 9.50 -15.07 13.08
CA ILE A 325 10.83 -15.65 12.85
C ILE A 325 11.70 -14.56 12.26
N GLU A 326 12.86 -14.31 12.87
CA GLU A 326 13.86 -13.44 12.26
C GLU A 326 14.74 -14.26 11.35
N TYR A 327 14.79 -13.86 10.09
CA TYR A 327 15.66 -14.48 9.11
C TYR A 327 16.85 -13.57 8.88
N SER A 328 18.02 -14.17 8.67
CA SER A 328 19.26 -13.42 8.39
C SER A 328 19.46 -13.13 6.91
N ARG A 329 18.44 -13.43 6.11
CA ARG A 329 18.43 -13.18 4.67
C ARG A 329 16.99 -12.89 4.31
N ARG A 330 16.76 -11.81 3.55
CA ARG A 330 15.40 -11.42 3.16
C ARG A 330 15.03 -12.09 1.83
N TRP A 331 14.93 -13.42 1.90
CA TRP A 331 14.70 -14.25 0.71
C TRP A 331 13.39 -13.93 -0.02
N TRP A 332 12.40 -13.43 0.73
CA TRP A 332 11.10 -13.14 0.14
C TRP A 332 11.23 -11.97 -0.85
N GLU A 333 12.09 -11.02 -0.54
CA GLU A 333 12.40 -9.90 -1.45
C GLU A 333 13.37 -10.31 -2.55
N THR A 334 14.45 -10.97 -2.17
CA THR A 334 15.52 -11.27 -3.14
C THR A 334 15.16 -12.37 -4.15
N GLU A 335 14.40 -13.38 -3.72
CA GLU A 335 14.05 -14.49 -4.61
C GLU A 335 12.63 -14.38 -5.16
N ASP A 336 11.69 -13.98 -4.31
CA ASP A 336 10.27 -14.02 -4.69
C ASP A 336 9.70 -12.66 -5.07
N ARG A 337 10.53 -11.62 -4.95
CA ARG A 337 10.12 -10.23 -5.23
C ARG A 337 8.86 -9.84 -4.45
N ILE A 338 8.78 -10.30 -3.21
CA ILE A 338 7.70 -9.98 -2.27
C ILE A 338 8.24 -8.95 -1.29
N TYR A 339 7.62 -7.77 -1.30
CA TYR A 339 7.91 -6.70 -0.36
C TYR A 339 6.63 -6.39 0.41
N GLY A 340 6.50 -6.97 1.61
CA GLY A 340 5.29 -6.84 2.42
C GLY A 340 4.16 -7.70 1.90
N GLY A 341 2.98 -7.53 2.48
CA GLY A 341 1.84 -8.38 2.15
C GLY A 341 1.85 -9.68 2.90
N ALA A 342 0.89 -10.54 2.57
CA ALA A 342 0.76 -11.84 3.22
C ALA A 342 0.36 -12.92 2.23
N SER A 343 0.93 -14.11 2.39
CA SER A 343 0.43 -15.30 1.71
C SER A 343 -0.69 -15.89 2.55
N ASN A 344 -1.64 -16.54 1.88
CA ASN A 344 -2.86 -17.02 2.52
C ASN A 344 -3.06 -18.50 2.23
N THR A 345 -3.57 -19.22 3.22
CA THR A 345 -3.68 -20.68 3.08
C THR A 345 -4.78 -21.24 3.97
N ASP A 346 -5.21 -22.47 3.64
CA ASP A 346 -6.10 -23.25 4.50
C ASP A 346 -5.39 -24.04 5.58
N LYS A 347 -4.05 -24.08 5.53
CA LYS A 347 -3.29 -24.75 6.57
C LYS A 347 -3.50 -24.04 7.91
N ASP A 348 -3.16 -24.71 9.01
CA ASP A 348 -3.34 -24.15 10.33
C ASP A 348 -2.64 -22.79 10.49
N ILE A 349 -1.47 -22.62 9.87
CA ILE A 349 -0.73 -21.37 9.99
C ILE A 349 -1.60 -20.20 9.50
N SER A 350 -2.48 -20.48 8.54
CA SER A 350 -3.49 -19.53 8.03
C SER A 350 -2.93 -18.46 7.09
N GLN A 351 -1.82 -17.86 7.48
CA GLN A 351 -1.19 -16.85 6.66
C GLN A 351 0.22 -16.60 7.13
N ILE A 352 1.02 -16.06 6.22
CA ILE A 352 2.42 -15.72 6.45
C ILE A 352 2.54 -14.26 6.05
N MET A 353 2.93 -13.42 6.99
CA MET A 353 2.93 -11.97 6.78
C MET A 353 4.35 -11.44 6.72
N PHE A 354 4.66 -10.78 5.60
CA PHE A 354 6.02 -10.26 5.35
C PHE A 354 6.14 -8.82 5.81
N PRO A 355 7.34 -8.42 6.23
CA PRO A 355 7.48 -7.13 6.92
C PRO A 355 7.31 -5.92 6.00
N TYR A 356 6.94 -4.81 6.63
CA TYR A 356 6.66 -3.52 5.99
C TYR A 356 7.74 -2.49 6.25
N ASP A 357 8.84 -2.93 6.85
CA ASP A 357 9.97 -2.05 7.13
C ASP A 357 11.28 -2.73 6.74
N HIS A 358 12.37 -1.95 6.77
CA HIS A 358 13.71 -2.43 6.43
C HIS A 358 13.76 -3.07 5.04
N TYR A 359 13.03 -2.50 4.08
CA TYR A 359 13.02 -3.03 2.70
C TYR A 359 14.44 -2.97 2.14
N ASN A 360 14.81 -4.05 1.44
CA ASN A 360 16.13 -4.22 0.83
C ASN A 360 17.29 -4.37 1.80
N SER A 361 17.00 -4.59 3.08
CA SER A 361 18.07 -4.68 4.07
C SER A 361 18.57 -6.12 4.19
N ASP A 362 19.31 -6.42 5.26
CA ASP A 362 20.01 -7.70 5.36
C ASP A 362 19.29 -8.78 6.17
N ARG A 363 18.25 -8.41 6.90
CA ARG A 363 17.54 -9.33 7.79
C ARG A 363 16.11 -8.84 7.98
N GLY A 364 15.25 -9.68 8.54
CA GLY A 364 13.87 -9.25 8.83
C GLY A 364 13.07 -10.30 9.54
N VAL A 365 11.98 -9.86 10.18
CA VAL A 365 11.07 -10.74 10.88
C VAL A 365 9.83 -11.01 10.03
N VAL A 366 9.53 -12.29 9.82
CA VAL A 366 8.33 -12.73 9.10
C VAL A 366 7.34 -13.30 10.13
N VAL A 367 6.08 -12.87 10.05
CA VAL A 367 5.05 -13.47 10.88
C VAL A 367 4.63 -14.82 10.25
N ALA A 368 5.20 -15.89 10.80
CA ALA A 368 5.09 -17.23 10.22
C ALA A 368 3.71 -17.84 10.39
N TYR A 369 2.97 -17.36 11.40
CA TYR A 369 1.54 -17.60 11.40
C TYR A 369 0.80 -16.48 12.11
N TYR A 370 -0.42 -16.25 11.67
CA TYR A 370 -1.39 -15.48 12.42
C TYR A 370 -2.72 -16.18 12.22
N SER A 371 -3.11 -16.99 13.21
CA SER A 371 -4.30 -17.83 13.12
C SER A 371 -5.20 -17.54 14.30
N SER A 372 -6.47 -17.91 14.13
CA SER A 372 -7.51 -17.63 15.12
C SER A 372 -8.51 -18.78 15.12
N GLY A 373 -9.27 -18.89 16.21
CA GLY A 373 -10.27 -19.93 16.32
C GLY A 373 -9.66 -21.33 16.32
N LYS A 374 -10.30 -22.22 15.57
CA LYS A 374 -9.90 -23.61 15.49
C LYS A 374 -8.42 -23.76 15.10
N ARG A 375 -7.98 -22.91 14.18
CA ARG A 375 -6.61 -23.00 13.66
C ARG A 375 -5.55 -22.38 14.59
N GLN A 376 -5.98 -21.67 15.62
CA GLN A 376 -5.07 -21.30 16.71
C GLN A 376 -5.08 -22.35 17.81
N GLU A 377 -6.20 -23.03 18.02
CA GLU A 377 -6.25 -24.12 19.00
C GLU A 377 -5.23 -25.20 18.67
N ALA A 378 -4.87 -25.31 17.39
CA ALA A 378 -3.82 -26.20 16.93
C ALA A 378 -2.42 -25.87 17.46
N PHE A 379 -2.21 -24.61 17.85
CA PHE A 379 -0.92 -24.15 18.38
C PHE A 379 -0.93 -23.93 19.89
N GLU A 380 -2.09 -23.58 20.43
CA GLU A 380 -2.21 -23.19 21.84
C GLU A 380 -1.45 -24.08 22.82
N SER A 381 -1.67 -25.39 22.73
CA SER A 381 -1.13 -26.34 23.71
C SER A 381 0.28 -26.84 23.34
N LEU A 382 0.80 -26.39 22.21
CA LEU A 382 2.17 -26.69 21.81
C LEU A 382 3.17 -25.79 22.53
N THR A 383 4.34 -26.34 22.85
CA THR A 383 5.47 -25.56 23.32
C THR A 383 5.91 -24.61 22.22
N HIS A 384 6.71 -23.61 22.56
CA HIS A 384 7.20 -22.71 21.51
C HIS A 384 8.01 -23.49 20.47
N ARG A 385 8.85 -24.42 20.92
CA ARG A 385 9.67 -25.20 19.98
C ARG A 385 8.80 -26.02 19.01
N GLN A 386 7.69 -26.54 19.52
CA GLN A 386 6.76 -27.30 18.69
C GLN A 386 5.99 -26.38 17.73
N ARG A 387 5.60 -25.20 18.21
CA ARG A 387 4.95 -24.18 17.37
C ARG A 387 5.84 -23.81 16.19
N LEU A 388 7.12 -23.57 16.47
CA LEU A 388 8.09 -23.21 15.46
C LEU A 388 8.22 -24.32 14.41
N ALA A 389 8.34 -25.58 14.86
CA ALA A 389 8.51 -26.69 13.93
C ALA A 389 7.32 -26.82 12.99
N LYS A 390 6.12 -26.68 13.55
CA LYS A 390 4.89 -26.76 12.77
C LYS A 390 4.79 -25.60 11.79
N ALA A 391 5.15 -24.41 12.26
CA ALA A 391 5.15 -23.20 11.44
C ALA A 391 6.10 -23.32 10.24
N ILE A 392 7.28 -23.90 10.48
CA ILE A 392 8.28 -24.05 9.41
C ILE A 392 7.87 -25.12 8.40
N ALA A 393 7.32 -26.21 8.90
CA ALA A 393 6.86 -27.31 8.04
C ALA A 393 5.78 -26.81 7.11
N GLU A 394 4.78 -26.14 7.67
CA GLU A 394 3.67 -25.64 6.86
C GLU A 394 4.08 -24.50 5.91
N GLY A 395 4.96 -23.62 6.38
CA GLY A 395 5.44 -22.53 5.55
C GLY A 395 6.32 -23.00 4.40
N SER A 396 7.09 -24.06 4.63
CA SER A 396 7.93 -24.63 3.57
C SER A 396 7.07 -25.25 2.46
N GLU A 397 5.86 -25.69 2.81
CA GLU A 397 4.94 -26.22 1.79
C GLU A 397 4.38 -25.15 0.88
N ILE A 398 4.48 -23.89 1.31
CA ILE A 398 4.00 -22.74 0.53
C ILE A 398 5.16 -22.00 -0.18
N HIS A 399 6.25 -21.77 0.55
CA HIS A 399 7.35 -20.93 0.03
C HIS A 399 8.66 -21.70 -0.25
N GLY A 400 8.64 -23.03 -0.12
CA GLY A 400 9.79 -23.87 -0.49
C GLY A 400 10.79 -24.10 0.61
N GLU A 401 11.87 -24.79 0.27
CA GLU A 401 12.93 -25.10 1.23
C GLU A 401 13.59 -23.84 1.80
N LYS A 402 13.59 -22.75 1.04
CA LYS A 402 14.18 -21.49 1.52
C LYS A 402 13.55 -21.06 2.85
N TYR A 403 12.30 -21.46 3.08
CA TYR A 403 11.61 -21.09 4.31
C TYR A 403 12.31 -21.65 5.54
N THR A 404 13.08 -22.72 5.35
CA THR A 404 13.70 -23.45 6.46
C THR A 404 15.13 -22.99 6.73
N ARG A 405 15.65 -22.10 5.88
CA ARG A 405 17.04 -21.68 5.95
C ARG A 405 17.18 -20.26 6.50
N ASP A 406 18.36 -19.95 7.01
CA ASP A 406 18.71 -18.61 7.51
C ASP A 406 17.81 -18.15 8.65
N ILE A 407 17.43 -19.08 9.52
CA ILE A 407 16.63 -18.73 10.70
C ILE A 407 17.52 -18.33 11.88
N SER A 408 17.33 -17.11 12.39
CA SER A 408 18.11 -16.63 13.52
C SER A 408 17.44 -16.89 14.88
N SER A 409 16.18 -16.46 15.03
CA SER A 409 15.45 -16.59 16.29
C SER A 409 13.96 -16.48 16.04
N SER A 410 13.16 -16.79 17.06
CA SER A 410 11.71 -16.74 16.94
C SER A 410 11.05 -16.45 18.28
N PHE A 411 9.78 -16.03 18.23
CA PHE A 411 9.03 -15.66 19.42
C PHE A 411 7.55 -15.78 19.09
N SER A 412 6.77 -16.38 19.98
CA SER A 412 5.34 -16.56 19.74
C SER A 412 4.49 -16.09 20.91
N GLY A 413 3.24 -15.72 20.59
CA GLY A 413 2.23 -15.42 21.58
C GLY A 413 0.93 -16.15 21.25
N SER A 414 0.25 -16.64 22.28
CA SER A 414 -1.08 -17.18 22.12
C SER A 414 -1.94 -16.48 23.17
N TRP A 415 -2.94 -15.76 22.71
CA TRP A 415 -3.60 -14.81 23.60
C TRP A 415 -4.49 -15.44 24.67
N ARG A 416 -5.08 -16.59 24.38
CA ARG A 416 -5.83 -17.31 25.43
C ARG A 416 -4.93 -17.82 26.57
N ARG A 417 -3.65 -18.00 26.26
CA ARG A 417 -2.64 -18.48 27.20
C ARG A 417 -1.77 -17.36 27.76
N THR A 418 -2.23 -16.13 27.62
CA THR A 418 -1.44 -14.96 28.00
C THR A 418 -2.04 -14.31 29.24
N LYS A 419 -1.24 -14.20 30.30
CA LYS A 419 -1.68 -13.61 31.56
C LYS A 419 -2.17 -12.18 31.37
N TYR A 420 -3.30 -11.88 32.02
CA TYR A 420 -3.97 -10.58 31.96
C TYR A 420 -4.65 -10.27 30.64
N SER A 421 -4.76 -11.28 29.76
CA SER A 421 -5.58 -11.21 28.56
C SER A 421 -6.54 -12.40 28.52
N GLU A 422 -5.97 -13.61 28.44
CA GLU A 422 -6.73 -14.87 28.40
C GLU A 422 -7.84 -14.85 27.33
N SER A 423 -7.55 -14.14 26.24
CA SER A 423 -8.48 -13.98 25.11
C SER A 423 -7.86 -13.00 24.13
N ALA A 424 -8.11 -13.21 22.84
CA ALA A 424 -7.73 -12.24 21.82
C ALA A 424 -8.75 -11.09 21.73
N TRP A 425 -10.04 -11.43 21.90
CA TRP A 425 -11.16 -10.50 21.78
C TRP A 425 -12.45 -11.25 22.10
N ALA A 426 -13.52 -10.51 22.38
CA ALA A 426 -14.79 -11.09 22.82
C ALA A 426 -15.73 -11.38 21.66
N ASN A 427 -16.48 -12.48 21.76
CA ASN A 427 -17.64 -12.76 20.92
C ASN A 427 -18.89 -12.86 21.78
N TRP A 428 -19.78 -11.89 21.64
CA TRP A 428 -21.03 -11.87 22.44
C TRP A 428 -21.98 -12.98 22.02
N ALA A 429 -22.43 -13.78 22.98
CA ALA A 429 -23.40 -14.83 22.70
C ALA A 429 -24.73 -14.22 22.24
N GLY A 430 -25.28 -14.73 21.14
CA GLY A 430 -26.50 -14.17 20.55
C GLY A 430 -26.28 -13.02 19.58
N SER A 431 -25.02 -12.78 19.20
CA SER A 431 -24.70 -11.70 18.26
C SER A 431 -24.90 -12.16 16.82
N ALA A 439 -27.32 -5.05 18.79
CA ALA A 439 -26.64 -5.36 20.05
C ALA A 439 -27.43 -6.38 20.86
N THR A 440 -26.70 -7.19 21.62
CA THR A 440 -27.31 -8.14 22.53
C THR A 440 -27.72 -7.43 23.82
N PRO A 441 -28.63 -8.05 24.60
CA PRO A 441 -29.06 -7.43 25.86
C PRO A 441 -27.92 -7.24 26.86
N GLU A 442 -27.00 -8.20 26.88
CA GLU A 442 -25.87 -8.19 27.81
C GLU A 442 -24.89 -7.07 27.51
N TYR A 443 -24.62 -6.87 26.23
CA TYR A 443 -23.82 -5.72 25.76
C TYR A 443 -24.48 -4.39 26.16
N GLU A 444 -25.77 -4.25 25.88
CA GLU A 444 -26.51 -3.04 26.24
C GLU A 444 -26.46 -2.77 27.75
N LYS A 445 -26.67 -3.83 28.53
CA LYS A 445 -26.66 -3.69 29.99
C LYS A 445 -25.34 -3.11 30.50
N LEU A 446 -24.24 -3.53 29.89
CA LEU A 446 -22.93 -3.16 30.39
C LEU A 446 -22.46 -1.78 29.91
N LEU A 447 -23.28 -1.12 29.10
CA LEU A 447 -23.07 0.29 28.76
C LEU A 447 -23.52 1.23 29.88
N GLU A 448 -24.37 0.72 30.77
CA GLU A 448 -24.87 1.52 31.89
C GLU A 448 -23.85 1.56 33.03
N PRO A 449 -23.74 2.71 33.71
CA PRO A 449 -22.89 2.72 34.90
C PRO A 449 -23.50 1.90 36.03
N VAL A 450 -22.64 1.32 36.85
CA VAL A 450 -23.07 0.61 38.04
C VAL A 450 -22.71 1.54 39.19
N ASP A 451 -23.65 2.45 39.50
CA ASP A 451 -23.38 3.58 40.40
C ASP A 451 -22.20 4.41 39.89
N LYS A 452 -21.02 4.31 40.51
CA LYS A 452 -19.85 5.12 40.11
C LYS A 452 -18.82 4.31 39.29
N ILE A 453 -19.18 3.09 38.90
CA ILE A 453 -18.30 2.23 38.09
C ILE A 453 -18.79 2.22 36.63
N TYR A 454 -17.89 2.54 35.71
CA TYR A 454 -18.14 2.46 34.27
C TYR A 454 -17.25 1.39 33.64
N PHE A 455 -17.82 0.60 32.75
CA PHE A 455 -17.02 -0.35 31.96
C PHE A 455 -16.65 0.29 30.63
N ALA A 456 -15.43 0.02 30.18
CA ALA A 456 -14.98 0.41 28.84
C ALA A 456 -14.05 -0.64 28.26
N GLY A 457 -13.96 -0.67 26.93
CA GLY A 457 -13.05 -1.60 26.24
C GLY A 457 -13.58 -1.90 24.85
N ASP A 458 -12.77 -2.57 24.03
CA ASP A 458 -13.20 -2.84 22.66
C ASP A 458 -14.41 -3.79 22.57
N HIS A 459 -14.65 -4.58 23.61
CA HIS A 459 -15.84 -5.45 23.64
C HIS A 459 -17.15 -4.66 23.74
N LEU A 460 -17.07 -3.43 24.24
CA LEU A 460 -18.25 -2.57 24.37
C LEU A 460 -18.26 -1.56 23.24
N SER A 461 -17.96 -2.05 22.03
CA SER A 461 -17.99 -1.22 20.84
C SER A 461 -18.51 -2.04 19.68
N ASN A 462 -18.68 -1.35 18.55
CA ASN A 462 -19.01 -1.96 17.28
C ASN A 462 -17.76 -2.12 16.39
N ALA A 463 -16.60 -2.08 17.03
CA ALA A 463 -15.33 -2.38 16.36
C ALA A 463 -14.49 -3.30 17.26
N ILE A 464 -15.09 -4.40 17.68
CA ILE A 464 -14.36 -5.37 18.50
C ILE A 464 -13.11 -5.85 17.75
N ALA A 465 -12.00 -6.00 18.47
CA ALA A 465 -10.72 -6.42 17.89
C ALA A 465 -10.11 -5.30 17.04
N TRP A 466 -10.49 -4.05 17.33
CA TRP A 466 -9.83 -2.88 16.76
C TRP A 466 -9.54 -1.87 17.84
N GLN A 467 -8.37 -1.24 17.79
CA GLN A 467 -8.05 -0.19 18.75
C GLN A 467 -9.11 0.92 18.72
N HIS A 468 -9.69 1.18 17.55
CA HIS A 468 -10.77 2.15 17.39
C HIS A 468 -11.92 1.86 18.36
N GLY A 469 -12.29 0.60 18.47
CA GLY A 469 -13.31 0.20 19.46
C GLY A 469 -12.97 0.60 20.89
N ALA A 470 -11.77 0.28 21.33
CA ALA A 470 -11.30 0.64 22.68
C ALA A 470 -11.25 2.15 22.90
N LEU A 471 -10.76 2.88 21.91
CA LEU A 471 -10.60 4.33 22.01
C LEU A 471 -11.94 5.07 21.97
N THR A 472 -12.85 4.65 21.08
CA THR A 472 -14.19 5.25 21.08
C THR A 472 -14.99 4.91 22.36
N SER A 473 -14.76 3.73 22.91
CA SER A 473 -15.37 3.35 24.20
C SER A 473 -14.88 4.25 25.34
N ALA A 474 -13.57 4.45 25.42
CA ALA A 474 -12.96 5.37 26.39
C ALA A 474 -13.54 6.77 26.25
N ARG A 475 -13.63 7.28 25.03
CA ARG A 475 -14.10 8.63 24.82
C ARG A 475 -15.57 8.80 25.20
N ASP A 476 -16.40 7.80 24.90
CA ASP A 476 -17.81 7.82 25.28
C ASP A 476 -17.99 7.79 26.81
N VAL A 477 -17.18 6.98 27.49
CA VAL A 477 -17.27 6.83 28.94
C VAL A 477 -16.76 8.06 29.69
N VAL A 478 -15.69 8.66 29.18
CA VAL A 478 -15.18 9.91 29.74
C VAL A 478 -16.16 11.05 29.55
N THR A 479 -16.86 11.08 28.41
CA THR A 479 -17.89 12.09 28.17
C THR A 479 -19.09 11.93 29.13
N HIS A 480 -19.46 10.68 29.40
CA HIS A 480 -20.55 10.40 30.35
C HIS A 480 -20.17 10.89 31.74
N ILE A 481 -18.98 10.54 32.20
CA ILE A 481 -18.51 10.96 33.51
C ILE A 481 -18.45 12.49 33.62
N HIS A 482 -17.98 13.14 32.56
CA HIS A 482 -17.87 14.60 32.55
C HIS A 482 -19.24 15.27 32.62
N GLU A 483 -20.19 14.76 31.86
CA GLU A 483 -21.55 15.33 31.84
C GLU A 483 -22.25 15.13 33.18
N ARG A 484 -21.88 14.06 33.88
CA ARG A 484 -22.46 13.76 35.18
C ARG A 484 -21.87 14.65 36.27
N VAL A 485 -20.55 14.88 36.19
CA VAL A 485 -19.87 15.80 37.10
C VAL A 485 -20.38 17.24 36.91
N ALA A 486 -20.60 17.65 35.67
CA ALA A 486 -21.15 18.97 35.38
C ALA A 486 -22.54 19.13 36.01
N GLN A 487 -23.28 18.03 35.95
CA GLN A 487 -24.58 17.85 36.62
C GLN A 487 -25.70 17.93 35.59
N GLU A 488 -26.06 19.02 35.12
N ASP B 3 27.85 -9.65 -10.68
CA ASP B 3 28.49 -8.63 -11.56
C ASP B 3 28.01 -8.78 -12.99
N LEU B 4 27.73 -7.64 -13.63
CA LEU B 4 27.22 -7.62 -14.99
C LEU B 4 28.25 -8.19 -15.96
N ILE B 5 29.47 -7.67 -15.85
CA ILE B 5 30.59 -8.10 -16.69
C ILE B 5 31.85 -8.27 -15.85
N GLY B 6 32.82 -9.03 -16.38
CA GLY B 6 34.14 -9.15 -15.76
C GLY B 6 34.97 -7.89 -15.93
N LYS B 7 36.20 -7.93 -15.45
CA LYS B 7 37.12 -6.81 -15.55
C LYS B 7 37.71 -6.72 -16.96
N VAL B 8 37.73 -5.51 -17.51
CA VAL B 8 38.28 -5.30 -18.83
C VAL B 8 39.81 -5.28 -18.74
N LYS B 9 40.44 -5.88 -19.75
CA LYS B 9 41.90 -5.91 -19.84
C LYS B 9 42.38 -4.77 -20.73
N GLY B 10 43.32 -3.99 -20.21
CA GLY B 10 43.91 -2.89 -20.96
C GLY B 10 43.18 -1.58 -20.74
N SER B 11 43.41 -0.63 -21.65
CA SER B 11 42.90 0.73 -21.53
C SER B 11 41.83 0.96 -22.59
N HIS B 12 40.60 1.18 -22.13
CA HIS B 12 39.46 1.40 -23.02
C HIS B 12 38.55 2.48 -22.44
N SER B 13 38.15 3.40 -23.29
CA SER B 13 37.36 4.55 -22.88
C SER B 13 35.99 4.56 -23.53
N VAL B 14 35.02 5.16 -22.83
CA VAL B 14 33.67 5.38 -23.37
C VAL B 14 33.19 6.78 -23.01
N VAL B 15 32.56 7.46 -23.95
CA VAL B 15 31.86 8.70 -23.64
C VAL B 15 30.36 8.44 -23.65
N VAL B 16 29.69 8.88 -22.59
CA VAL B 16 28.25 8.67 -22.42
C VAL B 16 27.52 10.00 -22.54
N LEU B 17 26.63 10.08 -23.54
CA LEU B 17 25.89 11.30 -23.83
C LEU B 17 24.56 11.22 -23.11
N GLY B 18 24.39 12.09 -22.11
CA GLY B 18 23.21 12.12 -21.27
C GLY B 18 23.48 11.45 -19.93
N GLY B 19 23.16 12.16 -18.85
CA GLY B 19 23.26 11.65 -17.50
C GLY B 19 21.89 11.47 -16.84
N GLY B 20 20.96 10.89 -17.60
CA GLY B 20 19.74 10.33 -17.04
C GLY B 20 20.00 8.92 -16.54
N PRO B 21 18.95 8.12 -16.32
CA PRO B 21 19.11 6.75 -15.82
C PRO B 21 19.96 5.84 -16.73
N ALA B 22 19.72 5.88 -18.04
CA ALA B 22 20.49 5.00 -18.94
C ALA B 22 21.97 5.38 -18.95
N GLY B 23 22.25 6.67 -18.98
CA GLY B 23 23.63 7.14 -19.03
C GLY B 23 24.37 6.84 -17.75
N LEU B 24 23.76 7.17 -16.62
CA LEU B 24 24.42 6.97 -15.35
C LEU B 24 24.58 5.48 -15.03
N CYS B 25 23.60 4.67 -15.38
CA CYS B 25 23.75 3.22 -15.20
C CYS B 25 24.85 2.65 -16.09
N SER B 26 24.96 3.17 -17.32
CA SER B 26 26.06 2.72 -18.22
C SER B 26 27.41 3.06 -17.60
N ALA B 27 27.58 4.30 -17.18
CA ALA B 27 28.87 4.75 -16.65
C ALA B 27 29.23 4.02 -15.38
N PHE B 28 28.24 3.81 -14.52
CA PHE B 28 28.45 3.07 -13.28
C PHE B 28 28.98 1.65 -13.53
N GLU B 29 28.34 0.93 -14.44
CA GLU B 29 28.74 -0.45 -14.74
C GLU B 29 30.10 -0.52 -15.48
N LEU B 30 30.30 0.36 -16.45
CA LEU B 30 31.59 0.41 -17.18
C LEU B 30 32.75 0.72 -16.24
N GLN B 31 32.54 1.65 -15.31
CA GLN B 31 33.56 2.02 -14.34
C GLN B 31 33.89 0.85 -13.41
N LYS B 32 32.88 0.12 -12.96
CA LYS B 32 33.08 -1.05 -12.11
C LYS B 32 34.03 -2.03 -12.76
N ALA B 33 33.91 -2.17 -14.08
CA ALA B 33 34.71 -3.13 -14.83
C ALA B 33 36.09 -2.62 -15.24
N GLY B 34 36.38 -1.34 -14.98
CA GLY B 34 37.71 -0.77 -15.21
C GLY B 34 37.87 0.04 -16.48
N TYR B 35 36.74 0.45 -17.08
CA TYR B 35 36.79 1.34 -18.24
C TYR B 35 36.99 2.77 -17.77
N LYS B 36 37.59 3.57 -18.64
CA LYS B 36 37.57 5.03 -18.49
C LYS B 36 36.23 5.52 -19.03
N VAL B 37 35.49 6.27 -18.22
CA VAL B 37 34.19 6.81 -18.63
C VAL B 37 34.06 8.30 -18.35
N THR B 38 33.42 9.01 -19.27
CA THR B 38 33.02 10.41 -19.07
C THR B 38 31.56 10.57 -19.46
N VAL B 39 30.76 11.17 -18.58
CA VAL B 39 29.35 11.42 -18.87
C VAL B 39 29.19 12.90 -19.17
N LEU B 40 28.45 13.21 -20.23
CA LEU B 40 28.16 14.59 -20.58
C LEU B 40 26.66 14.84 -20.42
N GLU B 41 26.29 15.66 -19.45
CA GLU B 41 24.87 15.97 -19.18
C GLU B 41 24.57 17.45 -19.39
N ALA B 42 23.55 17.74 -20.21
CA ALA B 42 23.19 19.12 -20.57
C ALA B 42 22.66 19.94 -19.38
N ARG B 43 21.86 19.30 -18.51
CA ARG B 43 21.28 19.98 -17.36
C ARG B 43 22.31 20.16 -16.26
N THR B 44 21.89 20.88 -15.21
CA THR B 44 22.70 21.06 -14.00
C THR B 44 22.26 20.11 -12.88
N ARG B 45 21.58 19.02 -13.26
CA ARG B 45 21.18 17.97 -12.32
C ARG B 45 21.33 16.62 -13.02
N PRO B 46 21.53 15.55 -12.24
CA PRO B 46 21.48 14.19 -12.78
C PRO B 46 20.04 13.67 -12.77
N GLY B 47 19.70 12.79 -13.70
CA GLY B 47 18.41 12.06 -13.64
C GLY B 47 17.45 12.19 -14.82
N GLY B 48 17.58 13.26 -15.63
CA GLY B 48 16.77 13.41 -16.83
C GLY B 48 15.28 13.55 -16.58
N ARG B 49 14.50 12.60 -17.09
CA ARG B 49 13.05 12.57 -16.87
C ARG B 49 12.69 12.07 -15.45
N VAL B 50 13.70 11.69 -14.68
CA VAL B 50 13.52 11.55 -13.23
C VAL B 50 13.92 12.89 -12.60
N TRP B 51 12.91 13.69 -12.28
CA TRP B 51 13.05 15.06 -11.79
C TRP B 51 12.15 15.24 -10.58
N THR B 52 12.72 15.71 -9.48
CA THR B 52 11.97 15.91 -8.23
C THR B 52 12.01 17.40 -7.92
N ALA B 53 10.83 18.02 -7.84
CA ALA B 53 10.70 19.47 -7.55
C ALA B 53 10.66 19.72 -6.05
N ARG B 54 11.59 20.56 -5.57
CA ARG B 54 11.65 20.99 -4.17
C ARG B 54 11.78 22.50 -4.12
N GLY B 55 11.76 23.06 -2.90
CA GLY B 55 12.04 24.47 -2.70
C GLY B 55 13.41 24.83 -3.24
N GLY B 56 13.41 25.83 -4.13
CA GLY B 56 14.63 26.28 -4.81
C GLY B 56 14.74 25.83 -6.26
N SER B 57 14.01 24.77 -6.63
CA SER B 57 14.02 24.30 -8.03
C SER B 57 13.56 25.42 -8.95
N GLU B 58 14.33 25.64 -10.02
CA GLU B 58 13.99 26.65 -11.02
C GLU B 58 14.07 26.02 -12.40
N GLU B 59 13.09 26.32 -13.26
CA GLU B 59 13.06 25.76 -14.61
C GLU B 59 12.48 26.80 -15.56
N THR B 60 13.17 27.03 -16.68
CA THR B 60 12.67 27.84 -17.78
C THR B 60 12.30 26.90 -18.92
N ASP B 61 11.02 26.90 -19.29
CA ASP B 61 10.53 25.97 -20.32
C ASP B 61 10.77 26.54 -21.72
N LEU B 62 10.34 25.82 -22.74
CA LEU B 62 10.62 26.21 -24.14
C LEU B 62 9.77 27.37 -24.65
N SER B 63 8.78 27.78 -23.85
CA SER B 63 8.01 29.00 -24.12
C SER B 63 8.70 30.24 -23.51
N GLY B 64 9.74 30.02 -22.72
CA GLY B 64 10.44 31.11 -22.04
C GLY B 64 9.86 31.48 -20.68
N GLU B 65 8.97 30.67 -20.14
CA GLU B 65 8.42 30.95 -18.81
C GLU B 65 9.32 30.28 -17.77
N THR B 66 9.67 31.04 -16.75
CA THR B 66 10.49 30.56 -15.65
C THR B 66 9.64 30.37 -14.40
N GLN B 67 9.61 29.15 -13.89
CA GLN B 67 8.99 28.86 -12.60
C GLN B 67 10.05 28.69 -11.54
N LYS B 68 9.74 29.14 -10.32
CA LYS B 68 10.59 28.94 -9.15
C LYS B 68 9.79 28.26 -8.04
N CYS B 69 10.15 27.02 -7.71
CA CYS B 69 9.46 26.28 -6.67
C CYS B 69 9.79 26.86 -5.28
N THR B 70 8.77 26.95 -4.43
CA THR B 70 8.92 27.45 -3.07
C THR B 70 8.29 26.49 -2.05
N PHE B 71 8.29 25.19 -2.36
CA PHE B 71 7.80 24.21 -1.41
C PHE B 71 8.59 24.29 -0.09
N SER B 72 7.90 23.98 1.00
CA SER B 72 8.52 23.99 2.33
C SER B 72 9.63 22.95 2.41
N GLU B 73 10.53 23.12 3.37
CA GLU B 73 11.67 22.21 3.53
C GLU B 73 11.18 20.78 3.74
N GLY B 74 11.77 19.84 2.98
CA GLY B 74 11.42 18.41 3.05
C GLY B 74 10.22 17.98 2.22
N HIS B 75 9.53 18.93 1.60
CA HIS B 75 8.33 18.67 0.79
C HIS B 75 8.68 18.76 -0.71
N PHE B 76 8.13 17.83 -1.49
CA PHE B 76 8.50 17.68 -2.89
C PHE B 76 7.38 16.97 -3.64
N TYR B 77 7.51 16.91 -4.96
CA TYR B 77 6.84 15.87 -5.72
C TYR B 77 7.67 15.52 -6.93
N ASN B 78 7.49 14.27 -7.37
CA ASN B 78 8.16 13.76 -8.56
C ASN B 78 7.43 14.22 -9.83
N VAL B 79 8.13 15.03 -10.63
CA VAL B 79 7.54 15.58 -11.85
C VAL B 79 7.50 14.54 -12.99
N GLY B 80 8.42 13.58 -12.94
CA GLY B 80 8.42 12.42 -13.84
C GLY B 80 8.22 11.15 -13.05
N ALA B 81 9.18 10.25 -13.12
CA ALA B 81 9.09 8.96 -12.44
C ALA B 81 8.71 9.11 -10.98
N THR B 82 7.79 8.25 -10.53
CA THR B 82 7.33 8.30 -9.15
C THR B 82 7.04 6.95 -8.47
N ARG B 83 6.79 5.89 -9.25
CA ARG B 83 6.37 4.62 -8.68
C ARG B 83 7.09 3.43 -9.32
N ILE B 84 7.33 2.38 -8.55
CA ILE B 84 8.11 1.22 -9.01
C ILE B 84 7.44 -0.09 -8.57
N PRO B 85 7.21 -1.00 -9.52
CA PRO B 85 6.69 -2.33 -9.16
C PRO B 85 7.81 -3.28 -8.72
N GLN B 86 7.42 -4.36 -8.06
CA GLN B 86 8.35 -5.23 -7.37
C GLN B 86 9.32 -5.98 -8.28
N SER B 87 8.99 -6.13 -9.56
CA SER B 87 9.83 -6.89 -10.49
C SER B 87 10.94 -6.07 -11.16
N HIS B 88 10.89 -4.75 -11.01
CA HIS B 88 11.81 -3.89 -11.75
C HIS B 88 13.20 -3.83 -11.11
N ILE B 89 14.20 -3.81 -11.99
CA ILE B 89 15.60 -3.76 -11.59
C ILE B 89 15.96 -2.44 -10.90
N THR B 90 15.07 -1.48 -11.00
CA THR B 90 15.17 -0.23 -10.26
C THR B 90 15.30 -0.49 -8.76
N LEU B 91 14.58 -1.50 -8.25
CA LEU B 91 14.67 -1.83 -6.82
C LEU B 91 16.01 -2.46 -6.47
N ASP B 92 16.55 -3.28 -7.38
CA ASP B 92 17.89 -3.84 -7.18
C ASP B 92 18.96 -2.76 -7.11
N TYR B 93 18.83 -1.74 -7.96
CA TYR B 93 19.78 -0.61 -7.88
C TYR B 93 19.59 0.24 -6.64
N CYS B 94 18.36 0.34 -6.16
CA CYS B 94 18.15 1.02 -4.88
C CYS B 94 18.92 0.32 -3.75
N ARG B 95 18.91 -1.01 -3.75
CA ARG B 95 19.65 -1.77 -2.74
C ARG B 95 21.16 -1.57 -2.90
N GLU B 96 21.64 -1.66 -4.13
CA GLU B 96 23.07 -1.54 -4.40
C GLU B 96 23.58 -0.15 -4.02
N LEU B 97 22.75 0.86 -4.24
CA LEU B 97 23.12 2.26 -4.00
C LEU B 97 22.80 2.77 -2.59
N GLY B 98 22.13 1.95 -1.78
CA GLY B 98 21.77 2.38 -0.43
C GLY B 98 20.70 3.45 -0.38
N VAL B 99 19.75 3.39 -1.31
CA VAL B 99 18.66 4.35 -1.41
C VAL B 99 17.39 3.77 -0.81
N GLU B 100 16.97 4.35 0.32
CA GLU B 100 15.84 3.82 1.08
C GLU B 100 14.55 3.95 0.27
N ILE B 101 13.74 2.90 0.29
CA ILE B 101 12.43 2.92 -0.35
C ILE B 101 11.30 2.76 0.68
N GLN B 102 10.11 3.15 0.25
CA GLN B 102 8.89 3.07 1.06
C GLN B 102 7.73 2.69 0.17
N GLY B 103 6.62 2.26 0.77
CA GLY B 103 5.44 1.96 0.00
C GLY B 103 4.88 3.18 -0.71
N PHE B 104 4.45 2.98 -1.95
CA PHE B 104 3.73 3.98 -2.73
C PHE B 104 2.27 3.56 -2.82
N GLY B 105 1.35 4.47 -2.47
CA GLY B 105 -0.07 4.14 -2.49
C GLY B 105 -0.60 4.24 -3.90
N ASN B 106 -0.72 3.10 -4.57
CA ASN B 106 -1.22 3.06 -5.95
C ASN B 106 -2.67 2.56 -6.05
N GLN B 107 -3.26 2.22 -4.91
CA GLN B 107 -4.66 1.82 -4.82
C GLN B 107 -5.19 2.32 -3.48
N ASN B 108 -6.37 2.92 -3.48
CA ASN B 108 -6.97 3.40 -2.23
C ASN B 108 -8.48 3.38 -2.31
N ALA B 109 -9.10 2.67 -1.36
CA ALA B 109 -10.55 2.57 -1.23
C ALA B 109 -11.26 3.91 -1.03
N ASN B 110 -10.53 4.89 -0.47
CA ASN B 110 -11.15 6.17 -0.04
C ASN B 110 -11.02 7.31 -1.04
N THR B 111 -10.21 7.14 -2.09
CA THR B 111 -10.13 8.16 -3.13
C THR B 111 -11.34 8.00 -4.04
N PHE B 112 -11.57 9.01 -4.88
CA PHE B 112 -12.82 9.14 -5.61
C PHE B 112 -12.65 8.80 -7.07
N VAL B 113 -13.75 8.37 -7.69
CA VAL B 113 -13.92 8.37 -9.13
C VAL B 113 -15.02 9.40 -9.45
N ASN B 114 -14.91 10.01 -10.62
CA ASN B 114 -15.81 11.11 -11.00
C ASN B 114 -15.84 11.24 -12.51
N TYR B 115 -16.94 10.82 -13.12
CA TYR B 115 -17.08 10.76 -14.57
C TYR B 115 -18.40 11.40 -15.05
N GLN B 116 -18.39 11.84 -16.29
CA GLN B 116 -19.60 12.31 -16.94
C GLN B 116 -20.34 11.11 -17.52
N SER B 117 -21.66 11.16 -17.50
CA SER B 117 -22.50 10.12 -18.08
C SER B 117 -23.90 10.66 -18.27
N ASP B 118 -24.76 9.85 -18.89
CA ASP B 118 -26.17 10.18 -19.06
C ASP B 118 -26.98 9.59 -17.89
N THR B 119 -26.45 9.78 -16.69
CA THR B 119 -27.07 9.32 -15.46
C THR B 119 -26.97 10.44 -14.42
N SER B 120 -27.63 10.26 -13.29
CA SER B 120 -27.54 11.26 -12.22
C SER B 120 -26.18 11.21 -11.49
N LEU B 121 -25.38 10.20 -11.77
CA LEU B 121 -24.02 10.10 -11.21
C LEU B 121 -23.05 11.01 -11.97
N SER B 122 -23.48 11.58 -13.09
CA SER B 122 -22.64 12.44 -13.93
C SER B 122 -21.99 13.55 -13.13
N GLY B 123 -20.66 13.49 -13.04
CA GLY B 123 -19.88 14.50 -12.32
C GLY B 123 -19.91 14.38 -10.80
N GLN B 124 -20.48 13.30 -10.29
CA GLN B 124 -20.61 13.04 -8.86
C GLN B 124 -19.42 12.22 -8.39
N SER B 125 -18.79 12.62 -7.28
CA SER B 125 -17.71 11.83 -6.71
C SER B 125 -18.21 10.62 -5.92
N VAL B 126 -17.63 9.46 -6.19
CA VAL B 126 -17.98 8.24 -5.49
C VAL B 126 -16.67 7.60 -5.04
N THR B 127 -16.59 7.12 -3.80
CA THR B 127 -15.36 6.43 -3.37
C THR B 127 -15.14 5.16 -4.18
N TYR B 128 -13.87 4.78 -4.33
CA TYR B 128 -13.57 3.49 -4.95
C TYR B 128 -14.27 2.32 -4.24
N ARG B 129 -14.33 2.32 -2.91
CA ARG B 129 -14.94 1.16 -2.23
C ARG B 129 -16.43 1.03 -2.53
N ALA B 130 -17.12 2.17 -2.62
CA ALA B 130 -18.55 2.18 -2.92
C ALA B 130 -18.78 1.74 -4.35
N ALA B 131 -17.98 2.29 -5.26
CA ALA B 131 -18.08 1.93 -6.67
C ALA B 131 -17.78 0.44 -6.91
N LYS B 132 -16.72 -0.05 -6.29
CA LYS B 132 -16.37 -1.48 -6.39
C LYS B 132 -17.44 -2.41 -5.80
N ALA B 133 -17.98 -2.04 -4.64
CA ALA B 133 -18.97 -2.91 -3.98
C ALA B 133 -20.23 -3.02 -4.82
N ASP B 134 -20.62 -1.93 -5.47
CA ASP B 134 -21.81 -1.94 -6.32
C ASP B 134 -21.54 -2.71 -7.62
N THR B 135 -20.40 -2.45 -8.25
CA THR B 135 -20.04 -3.09 -9.51
C THR B 135 -19.90 -4.60 -9.33
N PHE B 136 -19.15 -5.02 -8.32
CA PHE B 136 -18.90 -6.45 -8.09
C PHE B 136 -20.12 -7.12 -7.46
N GLY B 137 -20.90 -6.37 -6.70
CA GLY B 137 -22.19 -6.86 -6.21
C GLY B 137 -23.12 -7.23 -7.35
N TYR B 138 -23.38 -6.30 -8.27
CA TYR B 138 -24.30 -6.58 -9.39
C TYR B 138 -23.75 -7.58 -10.42
N MET B 139 -22.43 -7.54 -10.65
CA MET B 139 -21.78 -8.51 -11.53
C MET B 139 -21.97 -9.93 -11.00
N SER B 140 -21.74 -10.09 -9.71
CA SER B 140 -21.88 -11.38 -9.05
C SER B 140 -23.33 -11.88 -9.07
N GLU B 141 -24.27 -10.98 -8.76
CA GLU B 141 -25.69 -11.32 -8.80
C GLU B 141 -26.09 -11.78 -10.19
N LEU B 142 -25.64 -11.08 -11.23
CA LEU B 142 -26.01 -11.40 -12.61
C LEU B 142 -25.46 -12.77 -13.04
N LEU B 143 -24.20 -13.04 -12.73
CA LEU B 143 -23.60 -14.32 -13.10
C LEU B 143 -24.20 -15.45 -12.28
N LYS B 144 -24.53 -15.19 -11.01
CA LYS B 144 -25.22 -16.18 -10.20
C LYS B 144 -26.62 -16.49 -10.74
N LYS B 145 -27.32 -15.46 -11.21
CA LYS B 145 -28.66 -15.62 -11.81
C LYS B 145 -28.58 -16.49 -13.06
N ALA B 146 -27.62 -16.20 -13.94
CA ALA B 146 -27.45 -16.98 -15.16
C ALA B 146 -27.13 -18.43 -14.86
N THR B 147 -26.27 -18.64 -13.87
CA THR B 147 -25.84 -19.97 -13.46
C THR B 147 -27.00 -20.78 -12.89
N ASP B 148 -27.80 -20.14 -12.04
CA ASP B 148 -28.98 -20.81 -11.45
C ASP B 148 -30.05 -21.08 -12.50
N GLN B 149 -30.16 -20.21 -13.50
CA GLN B 149 -31.13 -20.37 -14.60
C GLN B 149 -30.80 -21.52 -15.53
N GLY B 150 -29.54 -21.98 -15.47
CA GLY B 150 -29.07 -23.04 -16.34
C GLY B 150 -28.42 -22.59 -17.64
N ALA B 151 -28.10 -21.30 -17.74
CA ALA B 151 -27.50 -20.76 -18.97
C ALA B 151 -26.10 -21.29 -19.24
N LEU B 152 -25.42 -21.76 -18.20
CA LEU B 152 -24.05 -22.25 -18.33
C LEU B 152 -23.93 -23.75 -18.08
N ASP B 153 -25.05 -24.45 -18.26
CA ASP B 153 -25.09 -25.91 -18.04
C ASP B 153 -24.26 -26.73 -19.06
N GLN B 154 -23.98 -26.17 -20.22
CA GLN B 154 -23.15 -26.87 -21.21
C GLN B 154 -21.67 -26.81 -20.90
N VAL B 155 -21.26 -25.81 -20.12
CA VAL B 155 -19.84 -25.57 -19.84
C VAL B 155 -19.46 -25.70 -18.37
N LEU B 156 -20.47 -25.86 -17.51
CA LEU B 156 -20.24 -26.03 -16.07
C LEU B 156 -21.03 -27.23 -15.57
N SER B 157 -20.37 -28.11 -14.82
CA SER B 157 -21.04 -29.22 -14.14
C SER B 157 -21.78 -28.72 -12.90
N ARG B 158 -22.56 -29.60 -12.28
CA ARG B 158 -23.25 -29.26 -11.04
C ARG B 158 -22.26 -28.78 -9.98
N GLU B 159 -21.14 -29.49 -9.85
CA GLU B 159 -20.12 -29.17 -8.87
C GLU B 159 -19.43 -27.86 -9.21
N ASP B 160 -19.18 -27.62 -10.49
CA ASP B 160 -18.62 -26.35 -10.95
C ASP B 160 -19.56 -25.22 -10.57
N LYS B 161 -20.85 -25.38 -10.89
CA LYS B 161 -21.87 -24.37 -10.58
C LYS B 161 -21.95 -24.05 -9.10
N ASP B 162 -21.87 -25.08 -8.25
CA ASP B 162 -21.92 -24.86 -6.81
C ASP B 162 -20.69 -24.10 -6.31
N ALA B 163 -19.51 -24.47 -6.81
CA ALA B 163 -18.27 -23.81 -6.44
C ALA B 163 -18.27 -22.34 -6.90
N LEU B 164 -18.72 -22.11 -8.12
CA LEU B 164 -18.82 -20.75 -8.65
C LEU B 164 -19.79 -19.90 -7.86
N SER B 165 -20.91 -20.49 -7.45
CA SER B 165 -21.93 -19.77 -6.69
C SER B 165 -21.39 -19.32 -5.34
N GLU B 166 -20.68 -20.22 -4.67
CA GLU B 166 -20.06 -19.92 -3.38
C GLU B 166 -19.10 -18.73 -3.47
N PHE B 167 -18.26 -18.75 -4.51
CA PHE B 167 -17.37 -17.63 -4.76
C PHE B 167 -18.15 -16.33 -4.98
N LEU B 168 -19.14 -16.38 -5.86
CA LEU B 168 -19.89 -15.17 -6.20
C LEU B 168 -20.63 -14.55 -5.03
N SER B 169 -21.14 -15.39 -4.13
CA SER B 169 -21.84 -14.88 -2.95
C SER B 169 -20.88 -14.12 -2.05
N ASP B 170 -19.69 -14.66 -1.89
CA ASP B 170 -18.63 -14.03 -1.12
C ASP B 170 -18.09 -12.77 -1.81
N PHE B 171 -17.67 -12.91 -3.05
CA PHE B 171 -17.08 -11.81 -3.82
C PHE B 171 -18.02 -10.60 -3.96
N GLY B 172 -19.31 -10.87 -4.14
CA GLY B 172 -20.31 -9.84 -4.28
C GLY B 172 -21.01 -9.40 -3.01
N ASP B 173 -20.77 -10.10 -1.90
CA ASP B 173 -21.49 -9.90 -0.64
C ASP B 173 -23.01 -9.98 -0.85
N LEU B 174 -23.42 -11.10 -1.47
CA LEU B 174 -24.83 -11.28 -1.83
C LEU B 174 -25.63 -11.73 -0.62
N SER B 175 -26.93 -11.44 -0.67
CA SER B 175 -27.86 -11.92 0.36
C SER B 175 -27.96 -13.44 0.29
N ASP B 176 -28.65 -14.03 1.27
CA ASP B 176 -28.83 -15.48 1.27
C ASP B 176 -29.56 -15.99 0.04
N ASP B 177 -30.44 -15.17 -0.54
CA ASP B 177 -31.14 -15.58 -1.77
C ASP B 177 -30.48 -15.10 -3.08
N GLY B 178 -29.24 -14.63 -2.96
CA GLY B 178 -28.41 -14.35 -4.14
C GLY B 178 -28.56 -12.97 -4.80
N ARG B 179 -28.94 -11.98 -4.01
CA ARG B 179 -29.14 -10.61 -4.49
C ARG B 179 -28.15 -9.63 -3.87
N TYR B 180 -27.75 -8.63 -4.64
CA TYR B 180 -26.92 -7.56 -4.10
C TYR B 180 -27.82 -6.45 -3.53
N LEU B 181 -27.78 -6.31 -2.21
CA LEU B 181 -28.64 -5.36 -1.48
C LEU B 181 -27.82 -4.26 -0.77
N GLY B 182 -26.54 -4.13 -1.11
CA GLY B 182 -25.65 -3.22 -0.41
C GLY B 182 -24.71 -3.99 0.50
N SER B 183 -23.75 -3.28 1.09
CA SER B 183 -22.67 -3.90 1.83
C SER B 183 -21.93 -2.89 2.72
N SER B 184 -21.42 -3.37 3.86
CA SER B 184 -20.50 -2.62 4.69
C SER B 184 -19.27 -2.27 3.87
N ARG B 185 -18.98 -3.05 2.84
CA ARG B 185 -17.84 -2.76 1.96
C ARG B 185 -17.96 -1.38 1.30
N ARG B 186 -19.17 -0.81 1.22
CA ARG B 186 -19.34 0.50 0.62
C ARG B 186 -18.81 1.63 1.52
N GLY B 187 -18.68 1.35 2.82
CA GLY B 187 -18.34 2.37 3.80
C GLY B 187 -19.56 2.95 4.52
N TYR B 188 -19.31 4.00 5.27
CA TYR B 188 -20.27 4.51 6.26
C TYR B 188 -20.33 6.02 6.20
N ASP B 189 -21.54 6.55 6.25
CA ASP B 189 -21.73 8.00 6.37
C ASP B 189 -21.34 8.46 7.77
N SER B 190 -21.75 7.68 8.77
CA SER B 190 -21.29 7.90 10.14
C SER B 190 -20.56 6.64 10.58
N GLU B 191 -19.33 6.84 11.07
CA GLU B 191 -18.43 5.72 11.40
C GLU B 191 -18.93 4.92 12.59
N PRO B 192 -18.92 3.58 12.51
CA PRO B 192 -19.24 2.81 13.71
C PRO B 192 -18.29 3.07 14.89
N GLY B 193 -18.87 3.39 16.04
CA GLY B 193 -18.11 3.64 17.24
C GLY B 193 -18.48 2.68 18.37
N ALA B 194 -18.60 3.21 19.58
CA ALA B 194 -18.83 2.37 20.75
C ALA B 194 -20.29 2.39 21.17
N GLY B 195 -20.64 1.49 22.09
CA GLY B 195 -22.00 1.38 22.61
C GLY B 195 -23.04 1.19 21.52
N LEU B 196 -24.05 2.05 21.52
CA LEU B 196 -25.14 1.96 20.55
C LEU B 196 -24.91 2.88 19.35
N ASN B 197 -23.66 3.29 19.15
CA ASN B 197 -23.26 4.05 17.97
C ASN B 197 -22.85 3.09 16.85
N PHE B 198 -23.86 2.51 16.21
CA PHE B 198 -23.64 1.48 15.20
C PHE B 198 -23.09 2.05 13.90
N GLY B 199 -23.27 3.35 13.71
CA GLY B 199 -22.92 3.99 12.45
C GLY B 199 -24.02 3.82 11.44
N THR B 200 -23.75 4.28 10.22
CA THR B 200 -24.73 4.32 9.16
C THR B 200 -24.10 3.92 7.81
N GLU B 201 -24.47 2.75 7.30
CA GLU B 201 -23.95 2.28 6.00
C GLU B 201 -24.40 3.20 4.87
N LYS B 202 -23.51 3.39 3.90
CA LYS B 202 -23.85 4.09 2.66
C LYS B 202 -24.66 3.15 1.76
N LYS B 203 -25.86 3.59 1.35
CA LYS B 203 -26.76 2.77 0.55
C LYS B 203 -26.28 2.65 -0.90
N PRO B 204 -26.61 1.53 -1.57
CA PRO B 204 -26.14 1.26 -2.93
C PRO B 204 -26.86 2.04 -4.05
N PHE B 205 -26.13 2.31 -5.12
CA PHE B 205 -26.74 2.74 -6.37
C PHE B 205 -27.52 1.59 -6.96
N ALA B 206 -28.37 1.89 -7.95
CA ALA B 206 -29.13 0.86 -8.66
C ALA B 206 -28.27 0.22 -9.74
N MET B 207 -28.63 -0.98 -10.19
CA MET B 207 -27.86 -1.72 -11.22
C MET B 207 -27.72 -0.88 -12.51
N GLN B 208 -28.80 -0.23 -12.93
CA GLN B 208 -28.75 0.56 -14.16
C GLN B 208 -27.88 1.82 -14.05
N GLU B 209 -27.89 2.46 -12.87
CA GLU B 209 -27.00 3.60 -12.59
C GLU B 209 -25.53 3.19 -12.69
N VAL B 210 -25.19 2.09 -12.05
CA VAL B 210 -23.82 1.60 -12.01
C VAL B 210 -23.30 1.27 -13.42
N ILE B 211 -24.08 0.51 -14.18
CA ILE B 211 -23.66 0.13 -15.53
C ILE B 211 -23.57 1.32 -16.45
N ARG B 212 -24.61 2.15 -16.46
CA ARG B 212 -24.68 3.24 -17.42
C ARG B 212 -23.78 4.42 -17.08
N SER B 213 -23.34 4.51 -15.82
CA SER B 213 -22.40 5.56 -15.42
C SER B 213 -20.95 5.22 -15.78
N GLY B 214 -20.66 3.94 -16.00
CA GLY B 214 -19.29 3.47 -16.24
C GLY B 214 -18.34 3.75 -15.07
N ILE B 215 -18.84 3.56 -13.86
CA ILE B 215 -18.08 3.88 -12.66
C ILE B 215 -16.92 2.89 -12.41
N GLY B 216 -16.95 1.73 -13.09
CA GLY B 216 -15.89 0.74 -12.96
C GLY B 216 -14.86 0.76 -14.07
N ARG B 217 -14.85 1.82 -14.89
CA ARG B 217 -13.98 1.89 -16.05
C ARG B 217 -12.49 1.84 -15.70
N ASN B 218 -12.11 2.28 -14.51
CA ASN B 218 -10.70 2.30 -14.11
C ASN B 218 -10.26 1.15 -13.19
N PHE B 219 -11.15 0.21 -12.88
CA PHE B 219 -10.80 -0.84 -11.91
C PHE B 219 -9.65 -1.73 -12.36
N SER B 220 -9.59 -2.03 -13.65
CA SER B 220 -8.56 -2.94 -14.16
C SER B 220 -7.16 -2.36 -14.07
N PHE B 221 -7.04 -1.05 -13.88
CA PHE B 221 -5.73 -0.41 -13.60
C PHE B 221 -4.99 -1.12 -12.45
N ASP B 222 -5.75 -1.57 -11.44
CA ASP B 222 -5.21 -2.28 -10.28
C ASP B 222 -4.45 -3.56 -10.66
N PHE B 223 -4.78 -4.11 -11.83
CA PHE B 223 -4.24 -5.40 -12.27
C PHE B 223 -3.02 -5.27 -13.17
N GLY B 224 -2.68 -4.05 -13.59
CA GLY B 224 -1.54 -3.90 -14.50
C GLY B 224 -0.31 -4.59 -13.91
N TYR B 225 0.45 -5.30 -14.76
CA TYR B 225 1.64 -5.97 -14.23
C TYR B 225 2.60 -5.01 -13.52
N ASP B 226 2.73 -3.81 -14.09
CA ASP B 226 3.64 -2.78 -13.59
CA ASP B 226 3.65 -2.81 -13.57
C ASP B 226 2.98 -1.78 -12.64
N GLN B 227 1.71 -2.00 -12.29
CA GLN B 227 0.93 -1.08 -11.42
C GLN B 227 0.33 -1.73 -10.17
N ALA B 228 0.10 -3.05 -10.21
CA ALA B 228 -0.52 -3.72 -9.06
C ALA B 228 0.26 -3.51 -7.76
N MET B 229 -0.47 -3.30 -6.66
CA MET B 229 0.18 -3.25 -5.35
C MET B 229 0.83 -4.59 -5.01
N MET B 230 1.94 -4.61 -4.28
CA MET B 230 2.60 -3.44 -3.68
C MET B 230 3.54 -2.71 -4.64
N MET B 231 3.52 -1.38 -4.55
CA MET B 231 4.36 -0.48 -5.36
C MET B 231 5.22 0.31 -4.40
N PHE B 232 6.36 0.81 -4.90
CA PHE B 232 7.36 1.43 -4.06
C PHE B 232 7.93 2.72 -4.65
N THR B 233 8.58 3.49 -3.80
CA THR B 233 9.20 4.74 -4.24
C THR B 233 10.30 5.13 -3.25
N PRO B 234 11.35 5.84 -3.71
CA PRO B 234 12.37 6.24 -2.77
C PRO B 234 11.92 7.30 -1.77
N VAL B 235 12.28 7.12 -0.51
CA VAL B 235 12.01 8.13 0.51
C VAL B 235 12.70 9.45 0.13
N GLY B 236 11.93 10.53 0.04
CA GLY B 236 12.52 11.85 -0.21
C GLY B 236 12.66 12.22 -1.67
N GLY B 237 12.20 11.36 -2.58
CA GLY B 237 12.17 11.68 -4.01
C GLY B 237 12.87 10.64 -4.88
N MET B 238 12.38 10.47 -6.10
CA MET B 238 12.95 9.49 -7.02
C MET B 238 14.35 9.86 -7.49
N ASP B 239 14.65 11.16 -7.50
CA ASP B 239 15.95 11.63 -7.97
C ASP B 239 17.10 11.17 -7.07
N ARG B 240 16.79 10.63 -5.89
CA ARG B 240 17.84 10.20 -4.98
C ARG B 240 18.61 9.02 -5.55
N ILE B 241 17.96 8.24 -6.42
CA ILE B 241 18.65 7.13 -7.08
C ILE B 241 19.81 7.67 -7.93
N TYR B 242 19.57 8.78 -8.60
CA TYR B 242 20.52 9.32 -9.58
C TYR B 242 21.56 10.26 -8.98
N TYR B 243 21.27 10.86 -7.82
CA TYR B 243 22.32 11.47 -7.01
C TYR B 243 23.23 10.40 -6.42
N ALA B 244 22.67 9.25 -6.04
CA ALA B 244 23.50 8.13 -5.57
C ALA B 244 24.41 7.58 -6.65
N PHE B 245 23.90 7.43 -7.88
CA PHE B 245 24.74 7.04 -9.02
C PHE B 245 25.84 8.08 -9.21
N GLN B 246 25.45 9.34 -9.23
CA GLN B 246 26.42 10.44 -9.41
C GLN B 246 27.61 10.29 -8.45
N ASP B 247 27.30 10.08 -7.18
CA ASP B 247 28.32 10.02 -6.15
C ASP B 247 29.24 8.81 -6.29
N ARG B 248 28.68 7.67 -6.72
CA ARG B 248 29.49 6.48 -6.98
C ARG B 248 30.40 6.64 -8.21
N ILE B 249 29.89 7.29 -9.25
CA ILE B 249 30.67 7.56 -10.48
C ILE B 249 31.76 8.61 -10.26
N GLY B 250 31.45 9.58 -9.41
CA GLY B 250 32.38 10.68 -9.09
C GLY B 250 32.15 11.83 -10.04
N THR B 251 31.97 13.04 -9.50
CA THR B 251 31.70 14.20 -10.33
C THR B 251 32.87 14.64 -11.19
N ASP B 252 34.08 14.12 -10.91
CA ASP B 252 35.22 14.31 -11.80
C ASP B 252 34.98 13.65 -13.17
N ASN B 253 34.10 12.65 -13.20
CA ASN B 253 33.79 11.90 -14.42
C ASN B 253 32.48 12.30 -15.09
N ILE B 254 31.85 13.38 -14.62
CA ILE B 254 30.62 13.90 -15.18
C ILE B 254 30.76 15.40 -15.41
N VAL B 255 30.42 15.85 -16.60
CA VAL B 255 30.36 17.28 -16.91
C VAL B 255 28.91 17.72 -17.03
N PHE B 256 28.47 18.50 -16.04
CA PHE B 256 27.11 19.05 -16.06
C PHE B 256 27.11 20.37 -16.81
N GLY B 257 25.93 20.78 -17.25
CA GLY B 257 25.81 21.98 -18.08
C GLY B 257 26.47 21.81 -19.44
N ALA B 258 26.64 20.57 -19.87
CA ALA B 258 27.34 20.22 -21.10
C ALA B 258 26.39 19.83 -22.22
N GLU B 259 26.05 20.78 -23.07
CA GLU B 259 25.14 20.51 -24.17
C GLU B 259 25.91 19.98 -25.37
N VAL B 260 25.74 18.70 -25.65
CA VAL B 260 26.34 18.08 -26.84
C VAL B 260 25.77 18.69 -28.12
N THR B 261 26.65 19.01 -29.05
CA THR B 261 26.28 19.64 -30.33
C THR B 261 26.73 18.82 -31.55
N SER B 262 27.67 17.89 -31.37
CA SER B 262 28.15 17.04 -32.46
C SER B 262 28.59 15.68 -31.93
N MET B 263 28.37 14.63 -32.71
CA MET B 263 28.75 13.28 -32.39
C MET B 263 29.12 12.56 -33.67
N LYS B 264 30.37 12.15 -33.82
CA LYS B 264 30.87 11.56 -35.07
C LYS B 264 31.82 10.39 -34.89
N ASN B 265 31.58 9.33 -35.65
CA ASN B 265 32.55 8.26 -35.83
C ASN B 265 33.79 8.80 -36.56
N VAL B 266 34.95 8.63 -35.94
CA VAL B 266 36.23 9.08 -36.52
C VAL B 266 37.23 7.94 -36.49
N SER B 267 38.35 8.12 -37.19
CA SER B 267 39.39 7.10 -37.26
C SER B 267 39.91 6.67 -35.89
N GLU B 268 39.86 7.62 -34.96
CA GLU B 268 40.42 7.45 -33.61
C GLU B 268 39.36 7.03 -32.56
N GLY B 269 38.12 6.83 -32.98
CA GLY B 269 37.03 6.47 -32.05
C GLY B 269 35.77 7.25 -32.38
N VAL B 270 35.20 7.87 -31.35
CA VAL B 270 34.04 8.73 -31.52
C VAL B 270 34.37 10.08 -30.90
N THR B 271 34.16 11.15 -31.66
CA THR B 271 34.41 12.49 -31.16
C THR B 271 33.08 13.22 -30.92
N VAL B 272 32.98 13.80 -29.72
CA VAL B 272 31.78 14.51 -29.31
C VAL B 272 32.18 15.94 -28.90
N GLU B 273 31.52 16.90 -29.52
CA GLU B 273 31.70 18.31 -29.20
C GLU B 273 30.51 18.76 -28.35
N TYR B 274 30.78 19.62 -27.38
CA TYR B 274 29.76 20.12 -26.47
C TYR B 274 30.13 21.50 -25.95
N THR B 275 29.11 22.27 -25.53
CA THR B 275 29.31 23.59 -24.94
C THR B 275 29.03 23.54 -23.44
N ALA B 276 30.01 23.94 -22.65
CA ALA B 276 29.86 24.00 -21.19
C ALA B 276 30.42 25.31 -20.65
N GLY B 277 29.59 26.05 -19.91
CA GLY B 277 29.97 27.36 -19.37
C GLY B 277 30.19 28.38 -20.47
N GLY B 278 29.47 28.21 -21.57
CA GLY B 278 29.60 29.08 -22.74
C GLY B 278 30.82 28.78 -23.61
N SER B 279 31.63 27.81 -23.20
CA SER B 279 32.88 27.49 -23.87
C SER B 279 32.78 26.22 -24.70
N LYS B 280 33.51 26.17 -25.81
CA LYS B 280 33.45 25.04 -26.74
C LYS B 280 34.47 23.98 -26.36
N LYS B 281 34.01 22.74 -26.18
CA LYS B 281 34.87 21.64 -25.75
C LYS B 281 34.72 20.44 -26.70
N SER B 282 35.67 19.52 -26.60
CA SER B 282 35.66 18.31 -27.42
C SER B 282 36.28 17.15 -26.64
N ILE B 283 35.68 15.98 -26.80
CA ILE B 283 36.20 14.76 -26.21
C ILE B 283 36.14 13.60 -27.22
N THR B 284 37.20 12.79 -27.23
CA THR B 284 37.22 11.59 -28.05
C THR B 284 37.41 10.36 -27.16
N ALA B 285 36.59 9.34 -27.39
CA ALA B 285 36.70 8.07 -26.67
C ALA B 285 36.55 6.93 -27.66
N ASP B 286 36.87 5.72 -27.22
CA ASP B 286 36.86 4.57 -28.13
C ASP B 286 35.45 4.21 -28.59
N TYR B 287 34.48 4.38 -27.68
CA TYR B 287 33.07 4.10 -27.97
C TYR B 287 32.21 5.20 -27.36
N ALA B 288 30.99 5.36 -27.89
CA ALA B 288 30.01 6.30 -27.35
C ALA B 288 28.71 5.58 -27.05
N ILE B 289 28.09 5.92 -25.92
CA ILE B 289 26.73 5.50 -25.62
C ILE B 289 25.85 6.73 -25.64
N CYS B 290 24.96 6.82 -26.62
CA CYS B 290 24.10 8.00 -26.79
C CYS B 290 22.71 7.73 -26.22
N THR B 291 22.37 8.44 -25.14
CA THR B 291 21.07 8.29 -24.46
C THR B 291 20.18 9.52 -24.62
N ILE B 292 20.60 10.45 -25.46
CA ILE B 292 19.78 11.61 -25.80
C ILE B 292 18.47 11.14 -26.46
N PRO B 293 17.32 11.69 -26.04
CA PRO B 293 16.07 11.23 -26.64
C PRO B 293 16.12 11.24 -28.18
N PRO B 294 15.53 10.22 -28.83
CA PRO B 294 15.80 9.95 -30.25
C PRO B 294 15.43 11.09 -31.19
N HIS B 295 14.32 11.77 -30.90
CA HIS B 295 13.92 12.95 -31.68
C HIS B 295 14.87 14.13 -31.61
N LEU B 296 15.76 14.15 -30.62
CA LEU B 296 16.75 15.23 -30.47
C LEU B 296 18.11 14.89 -31.09
N VAL B 297 18.32 13.62 -31.43
CA VAL B 297 19.62 13.19 -31.96
C VAL B 297 19.93 13.78 -33.35
N GLY B 298 18.89 13.92 -34.17
CA GLY B 298 19.04 14.48 -35.53
C GLY B 298 19.45 15.94 -35.58
N ARG B 299 19.27 16.62 -34.47
CA ARG B 299 19.68 18.02 -34.37
C ARG B 299 21.19 18.15 -34.19
N LEU B 300 21.85 17.08 -33.76
CA LEU B 300 23.30 17.10 -33.61
C LEU B 300 23.98 17.06 -34.97
N GLN B 301 25.10 17.76 -35.10
CA GLN B 301 25.99 17.49 -36.22
C GLN B 301 26.49 16.04 -36.08
N ASN B 302 26.35 15.26 -37.15
CA ASN B 302 26.61 13.83 -37.07
C ASN B 302 27.01 13.22 -38.41
N ASN B 303 27.49 11.98 -38.38
CA ASN B 303 27.72 11.19 -39.61
C ASN B 303 27.01 9.84 -39.56
N LEU B 304 25.80 9.85 -39.02
CA LEU B 304 24.94 8.68 -38.97
C LEU B 304 24.41 8.41 -40.39
N PRO B 305 24.26 7.12 -40.78
CA PRO B 305 23.65 6.82 -42.08
C PRO B 305 22.19 7.25 -42.18
N GLY B 306 21.74 7.55 -43.38
CA GLY B 306 20.37 8.04 -43.60
C GLY B 306 19.28 7.13 -43.05
N ASP B 307 19.47 5.81 -43.15
CA ASP B 307 18.47 4.87 -42.64
C ASP B 307 18.41 4.89 -41.11
N VAL B 308 19.50 5.29 -40.47
CA VAL B 308 19.53 5.46 -39.01
C VAL B 308 18.82 6.74 -38.61
N LEU B 309 19.03 7.81 -39.36
CA LEU B 309 18.35 9.10 -39.07
C LEU B 309 16.85 8.99 -39.27
N THR B 310 16.45 8.18 -40.25
CA THR B 310 15.04 7.90 -40.51
C THR B 310 14.42 7.05 -39.41
N ALA B 311 15.15 6.04 -38.94
CA ALA B 311 14.64 5.21 -37.85
C ALA B 311 14.44 6.02 -36.56
N LEU B 312 15.35 6.95 -36.26
CA LEU B 312 15.22 7.80 -35.06
C LEU B 312 13.93 8.62 -35.09
N LYS B 313 13.51 9.03 -36.28
CA LYS B 313 12.31 9.85 -36.44
C LYS B 313 11.03 9.05 -36.22
N ALA B 314 11.12 7.73 -36.15
CA ALA B 314 9.94 6.88 -35.91
C ALA B 314 9.46 6.91 -34.45
N ALA B 315 10.40 7.17 -33.54
CA ALA B 315 10.11 7.24 -32.11
C ALA B 315 9.45 8.58 -31.78
N LYS B 316 8.12 8.61 -31.86
CA LYS B 316 7.42 9.89 -31.79
C LYS B 316 7.32 10.42 -30.36
N PRO B 317 7.47 11.74 -30.19
CA PRO B 317 7.32 12.33 -28.87
C PRO B 317 5.90 12.15 -28.34
N SER B 318 5.78 12.09 -27.02
CA SER B 318 4.48 12.02 -26.34
C SER B 318 4.34 13.13 -25.31
N SER B 319 3.12 13.61 -25.14
CA SER B 319 2.81 14.65 -24.17
C SER B 319 2.42 14.07 -22.79
N SER B 320 2.98 14.66 -21.73
CA SER B 320 2.57 14.36 -20.37
C SER B 320 3.08 15.44 -19.44
N GLY B 321 2.36 15.66 -18.35
CA GLY B 321 2.77 16.70 -17.41
C GLY B 321 2.12 16.51 -16.08
N LYS B 322 2.59 17.29 -15.11
CA LYS B 322 2.12 17.23 -13.73
C LYS B 322 2.13 18.64 -13.16
N LEU B 323 1.30 18.84 -12.14
CA LEU B 323 1.32 20.08 -11.36
C LEU B 323 1.12 19.72 -9.89
N GLY B 324 1.97 20.27 -9.03
CA GLY B 324 1.88 20.06 -7.58
C GLY B 324 1.54 21.31 -6.81
N ILE B 325 0.54 21.19 -5.93
CA ILE B 325 0.12 22.27 -5.05
C ILE B 325 0.50 21.93 -3.62
N GLU B 326 1.24 22.81 -2.94
CA GLU B 326 1.44 22.68 -1.51
C GLU B 326 0.28 23.35 -0.78
N TYR B 327 -0.39 22.57 0.05
CA TYR B 327 -1.42 23.04 0.98
C TYR B 327 -0.84 23.17 2.39
N SER B 328 -1.30 24.17 3.13
CA SER B 328 -0.89 24.37 4.52
C SER B 328 -1.79 23.62 5.50
N ARG B 329 -2.64 22.73 4.97
CA ARG B 329 -3.51 21.91 5.78
C ARG B 329 -3.71 20.62 5.01
N ARG B 330 -3.56 19.47 5.67
CA ARG B 330 -3.72 18.17 4.99
C ARG B 330 -5.17 17.72 5.02
N TRP B 331 -6.02 18.49 4.34
CA TRP B 331 -7.46 18.30 4.38
C TRP B 331 -7.87 16.94 3.88
N TRP B 332 -7.10 16.38 2.95
CA TRP B 332 -7.45 15.09 2.37
C TRP B 332 -7.40 13.98 3.43
N GLU B 333 -6.43 14.07 4.33
CA GLU B 333 -6.35 13.18 5.48
C GLU B 333 -7.41 13.49 6.55
N THR B 334 -7.48 14.74 6.98
CA THR B 334 -8.34 15.14 8.10
C THR B 334 -9.83 15.06 7.79
N GLU B 335 -10.23 15.48 6.58
CA GLU B 335 -11.64 15.50 6.20
C GLU B 335 -12.05 14.26 5.43
N ASP B 336 -11.33 13.94 4.37
CA ASP B 336 -11.71 12.84 3.47
C ASP B 336 -11.20 11.46 3.91
N ARG B 337 -10.32 11.42 4.91
CA ARG B 337 -9.70 10.18 5.34
C ARG B 337 -8.97 9.48 4.18
N ILE B 338 -8.25 10.29 3.40
CA ILE B 338 -7.44 9.83 2.29
C ILE B 338 -5.97 10.02 2.66
N TYR B 339 -5.27 8.91 2.78
CA TYR B 339 -3.82 8.87 3.00
C TYR B 339 -3.17 8.19 1.79
N GLY B 340 -2.63 8.99 0.88
CA GLY B 340 -2.08 8.47 -0.37
C GLY B 340 -3.13 7.99 -1.36
N GLY B 341 -2.68 7.44 -2.49
CA GLY B 341 -3.60 7.02 -3.54
C GLY B 341 -3.95 8.17 -4.46
N ALA B 342 -4.85 7.89 -5.40
CA ALA B 342 -5.24 8.90 -6.40
C ALA B 342 -6.74 8.85 -6.64
N SER B 343 -7.34 10.03 -6.85
CA SER B 343 -8.69 10.11 -7.40
C SER B 343 -8.59 10.09 -8.92
N ASN B 344 -9.57 9.50 -9.58
CA ASN B 344 -9.55 9.31 -11.04
C ASN B 344 -10.76 9.99 -11.71
N THR B 345 -10.55 10.57 -12.89
CA THR B 345 -11.61 11.32 -13.55
C THR B 345 -11.43 11.37 -15.07
N ASP B 346 -12.52 11.64 -15.78
CA ASP B 346 -12.46 11.89 -17.23
C ASP B 346 -12.16 13.37 -17.58
N LYS B 347 -12.17 14.24 -16.57
CA LYS B 347 -11.72 15.64 -16.73
C LYS B 347 -10.27 15.70 -17.20
N ASP B 348 -9.87 16.83 -17.77
CA ASP B 348 -8.49 17.00 -18.24
C ASP B 348 -7.41 16.74 -17.17
N ILE B 349 -7.69 17.10 -15.92
CA ILE B 349 -6.73 16.84 -14.84
C ILE B 349 -6.39 15.35 -14.73
N SER B 350 -7.36 14.50 -15.08
CA SER B 350 -7.22 13.03 -15.23
C SER B 350 -7.15 12.31 -13.89
N GLN B 351 -6.29 12.78 -13.00
CA GLN B 351 -6.18 12.21 -11.68
C GLN B 351 -5.55 13.21 -10.73
N ILE B 352 -5.88 13.05 -9.45
CA ILE B 352 -5.32 13.84 -8.36
C ILE B 352 -4.60 12.86 -7.44
N MET B 353 -3.30 13.02 -7.24
CA MET B 353 -2.51 12.05 -6.49
C MET B 353 -2.07 12.63 -5.16
N PHE B 354 -2.43 11.95 -4.07
CA PHE B 354 -2.18 12.41 -2.71
C PHE B 354 -0.86 11.83 -2.19
N PRO B 355 -0.15 12.59 -1.35
CA PRO B 355 1.22 12.23 -0.99
C PRO B 355 1.34 10.97 -0.11
N TYR B 356 2.52 10.34 -0.20
CA TYR B 356 2.84 9.08 0.46
C TYR B 356 3.84 9.28 1.62
N ASP B 357 4.10 10.54 1.96
CA ASP B 357 4.98 10.86 3.08
C ASP B 357 4.37 12.00 3.94
N HIS B 358 5.02 12.28 5.07
CA HIS B 358 4.57 13.29 6.02
C HIS B 358 3.14 13.04 6.50
N TYR B 359 2.73 11.77 6.54
CA TYR B 359 1.38 11.44 7.01
C TYR B 359 1.13 12.09 8.36
N ASN B 360 -0.04 12.71 8.51
CA ASN B 360 -0.42 13.39 9.77
C ASN B 360 0.38 14.64 10.12
N SER B 361 1.15 15.17 9.16
CA SER B 361 1.90 16.41 9.37
C SER B 361 0.96 17.62 9.16
N ASP B 362 1.54 18.83 9.14
CA ASP B 362 0.73 20.05 9.04
C ASP B 362 0.56 20.60 7.62
N ARG B 363 1.23 20.02 6.64
CA ARG B 363 1.19 20.54 5.28
C ARG B 363 1.59 19.43 4.34
N GLY B 364 1.35 19.63 3.06
CA GLY B 364 1.80 18.65 2.07
C GLY B 364 1.50 19.05 0.65
N VAL B 365 2.20 18.37 -0.27
CA VAL B 365 2.04 18.60 -1.70
C VAL B 365 1.12 17.53 -2.32
N VAL B 366 0.12 18.03 -3.05
CA VAL B 366 -0.82 17.22 -3.81
C VAL B 366 -0.52 17.38 -5.30
N VAL B 367 -0.44 16.26 -6.02
CA VAL B 367 -0.32 16.30 -7.47
C VAL B 367 -1.70 16.53 -8.07
N ALA B 368 -1.99 17.79 -8.37
CA ALA B 368 -3.31 18.25 -8.81
C ALA B 368 -3.67 17.79 -10.21
N TYR B 369 -2.67 17.44 -11.03
CA TYR B 369 -2.94 16.66 -12.23
C TYR B 369 -1.72 15.87 -12.65
N TYR B 370 -1.97 14.70 -13.22
CA TYR B 370 -0.98 13.94 -13.98
C TYR B 370 -1.71 13.42 -15.19
N SER B 371 -1.59 14.14 -16.30
CA SER B 371 -2.33 13.82 -17.50
C SER B 371 -1.38 13.67 -18.69
N SER B 372 -1.86 12.97 -19.70
CA SER B 372 -1.07 12.61 -20.87
C SER B 372 -1.93 12.67 -22.12
N GLY B 373 -1.29 12.81 -23.27
CA GLY B 373 -2.02 12.85 -24.53
C GLY B 373 -2.90 14.07 -24.68
N LYS B 374 -4.14 13.85 -25.13
CA LYS B 374 -5.10 14.93 -25.35
C LYS B 374 -5.31 15.78 -24.11
N ARG B 375 -5.38 15.13 -22.95
CA ARG B 375 -5.65 15.83 -21.71
C ARG B 375 -4.44 16.50 -21.08
N GLN B 376 -3.26 16.36 -21.71
CA GLN B 376 -2.11 17.20 -21.37
C GLN B 376 -1.92 18.32 -22.37
N GLU B 377 -2.28 18.08 -23.63
CA GLU B 377 -2.32 19.14 -24.66
C GLU B 377 -3.13 20.34 -24.17
N ALA B 378 -4.15 20.05 -23.36
CA ALA B 378 -5.03 21.05 -22.76
C ALA B 378 -4.35 21.97 -21.72
N PHE B 379 -3.21 21.54 -21.19
CA PHE B 379 -2.41 22.34 -20.24
C PHE B 379 -1.13 22.90 -20.87
N GLU B 380 -0.56 22.12 -21.78
CA GLU B 380 0.76 22.40 -22.36
C GLU B 380 0.97 23.86 -22.76
N SER B 381 -0.02 24.42 -23.45
CA SER B 381 0.10 25.76 -24.01
C SER B 381 -0.35 26.88 -23.05
N LEU B 382 -0.90 26.51 -21.91
CA LEU B 382 -1.28 27.48 -20.89
C LEU B 382 -0.06 27.94 -20.10
N THR B 383 -0.11 29.17 -19.58
CA THR B 383 0.89 29.64 -18.63
C THR B 383 0.72 28.85 -17.32
N HIS B 384 1.72 28.89 -16.46
CA HIS B 384 1.60 28.16 -15.20
C HIS B 384 0.41 28.67 -14.38
N ARG B 385 0.19 29.98 -14.37
CA ARG B 385 -0.95 30.56 -13.64
C ARG B 385 -2.29 30.04 -14.17
N GLN B 386 -2.39 29.90 -15.49
CA GLN B 386 -3.58 29.35 -16.12
C GLN B 386 -3.74 27.85 -15.84
N ARG B 387 -2.63 27.11 -15.88
CA ARG B 387 -2.64 25.69 -15.53
C ARG B 387 -3.19 25.50 -14.12
N LEU B 388 -2.66 26.27 -13.18
CA LEU B 388 -3.10 26.22 -11.79
C LEU B 388 -4.59 26.52 -11.64
N ALA B 389 -5.06 27.59 -12.27
CA ALA B 389 -6.49 27.97 -12.17
C ALA B 389 -7.40 26.84 -12.69
N LYS B 390 -7.00 26.21 -13.79
CA LYS B 390 -7.76 25.12 -14.38
C LYS B 390 -7.70 23.86 -13.49
N ALA B 391 -6.51 23.56 -12.95
CA ALA B 391 -6.37 22.43 -12.03
C ALA B 391 -7.20 22.62 -10.75
N ILE B 392 -7.26 23.84 -10.22
CA ILE B 392 -8.04 24.12 -9.01
C ILE B 392 -9.55 24.05 -9.29
N ALA B 393 -9.98 24.54 -10.44
CA ALA B 393 -11.40 24.48 -10.81
C ALA B 393 -11.87 23.03 -10.96
N GLU B 394 -11.11 22.23 -11.68
CA GLU B 394 -11.47 20.84 -11.92
C GLU B 394 -11.34 19.96 -10.66
N GLY B 395 -10.33 20.22 -9.85
CA GLY B 395 -10.18 19.51 -8.58
C GLY B 395 -11.29 19.82 -7.59
N SER B 396 -11.76 21.07 -7.61
CA SER B 396 -12.86 21.45 -6.73
C SER B 396 -14.18 20.77 -7.13
N GLU B 397 -14.31 20.39 -8.39
CA GLU B 397 -15.48 19.61 -8.84
C GLU B 397 -15.45 18.16 -8.32
N ILE B 398 -14.29 17.71 -7.86
CA ILE B 398 -14.15 16.35 -7.32
C ILE B 398 -14.11 16.32 -5.79
N HIS B 399 -13.32 17.22 -5.20
CA HIS B 399 -13.04 17.20 -3.77
C HIS B 399 -13.66 18.38 -3.00
N GLY B 400 -14.40 19.24 -3.69
CA GLY B 400 -15.15 20.30 -3.05
C GLY B 400 -14.41 21.62 -2.95
N GLU B 401 -15.05 22.59 -2.29
CA GLU B 401 -14.47 23.92 -2.11
C GLU B 401 -13.19 23.94 -1.26
N LYS B 402 -12.99 22.92 -0.42
CA LYS B 402 -11.76 22.82 0.36
C LYS B 402 -10.52 22.73 -0.53
N TYR B 403 -10.72 22.27 -1.77
CA TYR B 403 -9.62 22.19 -2.76
C TYR B 403 -9.05 23.57 -3.12
N THR B 404 -9.83 24.63 -2.90
CA THR B 404 -9.44 25.99 -3.30
C THR B 404 -8.79 26.78 -2.16
N ARG B 405 -8.81 26.21 -0.95
CA ARG B 405 -8.38 26.93 0.24
C ARG B 405 -7.05 26.38 0.75
N ASP B 406 -6.32 27.22 1.49
CA ASP B 406 -5.09 26.81 2.15
C ASP B 406 -3.99 26.44 1.14
N ILE B 407 -3.96 27.13 0.02
CA ILE B 407 -2.94 26.94 -0.99
C ILE B 407 -1.74 27.85 -0.71
N SER B 408 -0.55 27.25 -0.59
CA SER B 408 0.68 27.97 -0.31
C SER B 408 1.41 28.34 -1.60
N SER B 409 1.67 27.33 -2.43
CA SER B 409 2.42 27.52 -3.68
C SER B 409 2.16 26.37 -4.63
N SER B 410 2.78 26.44 -5.81
CA SER B 410 2.58 25.42 -6.84
C SER B 410 3.72 25.42 -7.84
N PHE B 411 3.80 24.33 -8.61
CA PHE B 411 4.90 24.14 -9.57
C PHE B 411 4.45 23.09 -10.58
N SER B 412 4.61 23.39 -11.87
CA SER B 412 4.22 22.46 -12.93
C SER B 412 5.35 22.17 -13.90
N GLY B 413 5.27 20.98 -14.49
CA GLY B 413 6.10 20.59 -15.64
C GLY B 413 5.26 20.00 -16.76
N SER B 414 5.62 20.30 -17.99
CA SER B 414 5.01 19.69 -19.19
C SER B 414 6.14 19.20 -20.08
N TRP B 415 6.28 17.89 -20.16
CA TRP B 415 7.50 17.28 -20.71
C TRP B 415 7.79 17.57 -22.17
N ARG B 416 6.76 17.80 -22.98
CA ARG B 416 7.02 18.19 -24.37
C ARG B 416 7.55 19.62 -24.48
N ARG B 417 7.29 20.42 -23.45
CA ARG B 417 7.79 21.80 -23.38
C ARG B 417 9.05 21.93 -22.53
N THR B 418 9.72 20.82 -22.22
CA THR B 418 10.84 20.82 -21.28
C THR B 418 12.17 20.61 -22.02
N LYS B 419 13.04 21.60 -21.96
CA LYS B 419 14.35 21.52 -22.62
C LYS B 419 15.12 20.26 -22.25
N TYR B 420 15.68 19.60 -23.26
CA TYR B 420 16.48 18.36 -23.16
C TYR B 420 15.63 17.11 -22.90
N SER B 421 14.32 17.28 -23.02
CA SER B 421 13.37 16.17 -23.03
C SER B 421 12.49 16.28 -24.27
N GLU B 422 11.65 17.32 -24.30
CA GLU B 422 10.69 17.55 -25.39
C GLU B 422 9.84 16.31 -25.71
N SER B 423 9.51 15.56 -24.67
CA SER B 423 8.72 14.34 -24.75
C SER B 423 8.74 13.68 -23.39
N ALA B 424 7.65 13.03 -23.04
CA ALA B 424 7.55 12.25 -21.82
C ALA B 424 8.17 10.86 -22.04
N TRP B 425 7.97 10.35 -23.25
CA TRP B 425 8.36 8.98 -23.63
C TRP B 425 8.04 8.77 -25.09
N ALA B 426 8.65 7.75 -25.69
CA ALA B 426 8.53 7.47 -27.12
C ALA B 426 7.27 6.66 -27.46
N ASN B 427 6.68 6.99 -28.60
CA ASN B 427 5.58 6.22 -29.16
C ASN B 427 5.94 5.83 -30.59
N TRP B 428 6.46 4.62 -30.73
CA TRP B 428 6.99 4.18 -32.03
C TRP B 428 5.88 4.06 -33.06
N ALA B 429 6.18 4.58 -34.25
CA ALA B 429 5.28 4.46 -35.40
C ALA B 429 5.00 3.00 -35.70
N GLY B 430 3.73 2.67 -35.81
CA GLY B 430 3.33 1.29 -36.09
C GLY B 430 3.34 0.41 -34.87
N ALA B 439 9.16 -3.41 -31.23
CA ALA B 439 9.36 -4.57 -32.11
C ALA B 439 9.22 -4.16 -33.58
N THR B 440 9.18 -2.86 -33.84
CA THR B 440 9.06 -2.32 -35.18
C THR B 440 10.42 -2.35 -35.89
N PRO B 441 10.43 -2.21 -37.23
CA PRO B 441 11.72 -2.28 -37.91
C PRO B 441 12.69 -1.18 -37.48
N GLU B 442 12.15 0.00 -37.15
CA GLU B 442 12.97 1.13 -36.75
C GLU B 442 13.56 0.94 -35.35
N TYR B 443 12.79 0.31 -34.47
CA TYR B 443 13.26 -0.02 -33.12
C TYR B 443 14.38 -1.04 -33.23
N GLU B 444 14.17 -2.05 -34.07
CA GLU B 444 15.14 -3.14 -34.21
C GLU B 444 16.43 -2.63 -34.85
N LYS B 445 16.29 -1.71 -35.81
CA LYS B 445 17.46 -1.10 -36.46
C LYS B 445 18.36 -0.37 -35.46
N LEU B 446 17.73 0.29 -34.49
CA LEU B 446 18.46 1.14 -33.54
C LEU B 446 19.10 0.38 -32.36
N LEU B 447 18.90 -0.93 -32.31
CA LEU B 447 19.59 -1.80 -31.36
C LEU B 447 21.01 -2.13 -31.84
N GLU B 448 21.26 -1.94 -33.13
CA GLU B 448 22.60 -2.18 -33.67
C GLU B 448 23.50 -0.98 -33.47
N PRO B 449 24.81 -1.22 -33.21
CA PRO B 449 25.75 -0.11 -33.19
C PRO B 449 25.88 0.53 -34.56
N VAL B 450 26.15 1.83 -34.58
CA VAL B 450 26.55 2.53 -35.81
C VAL B 450 28.05 2.71 -35.70
N ASP B 451 28.76 1.68 -36.18
CA ASP B 451 30.20 1.50 -35.95
C ASP B 451 30.54 1.50 -34.44
N LYS B 452 30.97 2.63 -33.89
CA LYS B 452 31.34 2.69 -32.46
C LYS B 452 30.36 3.47 -31.58
N ILE B 453 29.22 3.85 -32.17
CA ILE B 453 28.15 4.56 -31.46
C ILE B 453 27.01 3.60 -31.15
N TYR B 454 26.64 3.53 -29.87
CA TYR B 454 25.54 2.68 -29.42
C TYR B 454 24.44 3.54 -28.86
N PHE B 455 23.18 3.24 -29.22
CA PHE B 455 22.03 3.95 -28.63
C PHE B 455 21.50 3.16 -27.44
N ALA B 456 21.12 3.88 -26.39
CA ALA B 456 20.50 3.28 -25.20
C ALA B 456 19.45 4.22 -24.63
N GLY B 457 18.43 3.65 -24.01
CA GLY B 457 17.41 4.46 -23.32
C GLY B 457 16.13 3.69 -23.19
N ASP B 458 15.14 4.24 -22.48
CA ASP B 458 13.93 3.48 -22.23
C ASP B 458 13.12 3.23 -23.51
N HIS B 459 13.34 4.07 -24.55
CA HIS B 459 12.68 3.87 -25.83
C HIS B 459 13.13 2.60 -26.54
N LEU B 460 14.34 2.13 -26.24
CA LEU B 460 14.84 0.88 -26.85
C LEU B 460 14.64 -0.31 -25.90
N SER B 461 13.46 -0.39 -25.31
CA SER B 461 13.12 -1.45 -24.37
C SER B 461 11.66 -1.83 -24.52
N ASN B 462 11.29 -2.91 -23.83
CA ASN B 462 9.92 -3.36 -23.68
C ASN B 462 9.30 -2.86 -22.38
N ALA B 463 9.88 -1.80 -21.83
CA ALA B 463 9.33 -1.10 -20.67
C ALA B 463 9.54 0.41 -20.86
N ILE B 464 9.00 0.92 -21.96
CA ILE B 464 9.04 2.36 -22.24
C ILE B 464 8.26 3.13 -21.16
N ALA B 465 8.83 4.23 -20.69
CA ALA B 465 8.26 5.04 -19.60
C ALA B 465 8.38 4.32 -18.25
N TRP B 466 9.38 3.44 -18.14
CA TRP B 466 9.82 2.89 -16.86
C TRP B 466 11.34 3.01 -16.76
N GLN B 467 11.84 3.33 -15.57
CA GLN B 467 13.27 3.33 -15.32
C GLN B 467 13.84 1.96 -15.67
N HIS B 468 13.11 0.89 -15.36
CA HIS B 468 13.55 -0.46 -15.69
C HIS B 468 13.98 -0.56 -17.15
N GLY B 469 13.23 0.08 -18.04
CA GLY B 469 13.55 0.05 -19.46
C GLY B 469 14.89 0.70 -19.78
N ALA B 470 15.14 1.85 -19.17
CA ALA B 470 16.41 2.56 -19.33
C ALA B 470 17.58 1.76 -18.75
N LEU B 471 17.38 1.17 -17.58
CA LEU B 471 18.45 0.47 -16.88
C LEU B 471 18.80 -0.83 -17.58
N THR B 472 17.80 -1.59 -18.01
CA THR B 472 18.06 -2.82 -18.76
C THR B 472 18.70 -2.53 -20.14
N SER B 473 18.30 -1.43 -20.78
CA SER B 473 18.94 -1.00 -22.04
C SER B 473 20.42 -0.66 -21.84
N ALA B 474 20.71 0.06 -20.77
CA ALA B 474 22.10 0.36 -20.40
C ALA B 474 22.93 -0.90 -20.19
N ARG B 475 22.36 -1.86 -19.47
CA ARG B 475 23.09 -3.08 -19.12
C ARG B 475 23.36 -3.93 -20.35
N ASP B 476 22.40 -4.00 -21.26
CA ASP B 476 22.61 -4.76 -22.51
C ASP B 476 23.71 -4.10 -23.35
N VAL B 477 23.70 -2.78 -23.42
CA VAL B 477 24.67 -2.05 -24.26
C VAL B 477 26.08 -2.11 -23.70
N VAL B 478 26.20 -2.05 -22.39
CA VAL B 478 27.49 -2.21 -21.74
C VAL B 478 28.02 -3.62 -21.99
N THR B 479 27.14 -4.63 -21.90
CA THR B 479 27.50 -6.01 -22.21
C THR B 479 28.03 -6.14 -23.63
N HIS B 480 27.34 -5.53 -24.59
CA HIS B 480 27.76 -5.61 -25.99
C HIS B 480 29.11 -4.93 -26.24
N ILE B 481 29.35 -3.79 -25.59
CA ILE B 481 30.66 -3.13 -25.71
C ILE B 481 31.75 -4.02 -25.12
N HIS B 482 31.45 -4.69 -24.01
CA HIS B 482 32.46 -5.51 -23.33
C HIS B 482 32.84 -6.71 -24.17
N GLU B 483 31.85 -7.32 -24.81
CA GLU B 483 32.07 -8.50 -25.64
C GLU B 483 32.84 -8.15 -26.90
N ARG B 484 32.61 -6.94 -27.39
CA ARG B 484 33.33 -6.43 -28.55
C ARG B 484 34.80 -6.19 -28.23
N VAL B 485 35.06 -5.57 -27.08
CA VAL B 485 36.41 -5.33 -26.63
C VAL B 485 37.18 -6.64 -26.43
N ALA B 486 36.47 -7.68 -25.95
CA ALA B 486 37.07 -9.01 -25.78
C ALA B 486 37.43 -9.71 -27.10
N GLN B 487 36.78 -9.31 -28.19
CA GLN B 487 37.02 -9.95 -29.49
C GLN B 487 38.32 -9.47 -30.12
N PHE C . -8.77 -6.58 13.69
CA PHE C . -8.01 -7.85 13.74
C PHE C . -6.97 -7.88 12.63
O PHE C . -6.95 -7.00 11.77
CB PHE C . -8.96 -9.04 13.63
CG PHE C . -9.53 -9.24 12.25
CD1 PHE C . -8.99 -10.18 11.39
CD2 PHE C . -10.57 -8.45 11.78
CE1 PHE C . -9.49 -10.34 10.11
CE2 PHE C . -11.26 -8.83 10.63
CZ PHE C . -10.62 -9.66 9.72
OXT PHE C . -6.20 -8.83 12.50
PA FAD D . -6.65 -4.61 26.56
O1A FAD D . -5.71 -4.23 25.47
O2A FAD D . -6.91 -6.08 26.75
O5B FAD D . -6.18 -3.95 27.93
C5B FAD D . -6.68 -4.39 29.16
C4B FAD D . -5.61 -4.14 30.21
O4B FAD D . -6.08 -4.60 31.48
C3B FAD D . -4.29 -4.85 29.91
O3B FAD D . -3.20 -3.95 29.83
C2B FAD D . -4.16 -5.83 31.07
O2B FAD D . -2.84 -6.16 31.45
C1B FAD D . -4.97 -5.13 32.17
N9A FAD D . -5.39 -6.04 33.24
C8A FAD D . -5.93 -7.29 33.13
N7A FAD D . -6.24 -7.72 34.37
C5A FAD D . -5.79 -6.81 35.26
C6A FAD D . -5.76 -6.77 36.65
N6A FAD D . -6.33 -7.72 37.39
N1A FAD D . -5.28 -5.64 37.26
C2A FAD D . -4.76 -4.59 36.54
N3A FAD D . -4.73 -4.64 35.17
C4A FAD D . -5.29 -5.71 34.55
N1 FAD D . -6.47 -3.72 16.67
C2 FAD D . -6.07 -2.87 15.66
O2 FAD D . -6.41 -1.69 15.64
N3 FAD D . -5.45 -3.40 14.55
C4 FAD D . -5.16 -4.74 14.44
O4 FAD D . -4.33 -5.11 13.56
C4X FAD D . -5.58 -5.61 15.44
N5 FAD D . -5.31 -6.98 15.40
C5X FAD D . -5.33 -7.71 16.59
C6 FAD D . -4.77 -8.99 16.62
C7 FAD D . -4.75 -9.74 17.80
C7M FAD D . -4.11 -11.11 17.77
C8 FAD D . -5.14 -9.12 19.00
C8M FAD D . -5.03 -9.82 20.33
C9 FAD D . -5.62 -7.83 18.99
C9A FAD D . -5.72 -7.11 17.78
N10 FAD D . -6.26 -5.81 17.75
C10 FAD D . -6.11 -5.05 16.61
C1' FAD D . -7.21 -5.33 18.80
C2' FAD D . -6.56 -4.44 19.86
O2' FAD D . -5.38 -5.05 20.35
C3' FAD D . -7.58 -4.24 20.98
O3' FAD D . -8.76 -3.69 20.42
C4' FAD D . -7.15 -3.33 22.11
O4' FAD D . -5.91 -3.75 22.65
C5' FAD D . -8.23 -3.34 23.20
O5' FAD D . -7.92 -2.45 24.23
P FAD D . -8.61 -2.59 25.68
O1P FAD D . -8.10 -1.46 26.54
O2P FAD D . -10.10 -2.74 25.51
O3P FAD D . -8.13 -4.02 26.22
N PHE E . 5.13 4.26 -16.32
CA PHE E . 4.48 5.60 -16.28
C PHE E . 3.68 5.72 -14.99
O PHE E . 3.63 4.78 -14.21
CB PHE E . 3.60 5.83 -17.52
CG PHE E . 2.29 5.07 -17.48
CD1 PHE E . 1.18 5.63 -16.88
CD2 PHE E . 2.10 3.94 -18.27
CE1 PHE E . -0.01 4.91 -16.81
CE2 PHE E . 1.00 3.13 -18.04
CZ PHE E . -0.06 3.61 -17.29
OXT PHE E . 3.03 6.74 -14.75
PA FAD F . 16.17 10.51 -19.93
O1A FAD F . 15.75 10.39 -18.50
O2A FAD F . 15.36 11.42 -20.83
O5B FAD F . 17.69 11.03 -19.92
C5B FAD F . 18.27 11.58 -21.09
C4B FAD F . 19.31 12.60 -20.68
O4B FAD F . 19.90 13.19 -21.83
C3B FAD F . 18.72 13.75 -19.83
O3B FAD F . 19.34 13.83 -18.56
C2B FAD F . 18.94 14.98 -20.71
O2B FAD F . 19.12 16.19 -20.01
C1B FAD F . 20.14 14.55 -21.55
N9A FAD F . 20.34 15.30 -22.78
C8A FAD F . 19.37 15.67 -23.69
N7A FAD F . 19.98 16.33 -24.70
C5A FAD F . 21.30 16.44 -24.41
C6A FAD F . 22.37 17.08 -25.04
N6A FAD F . 22.25 17.73 -26.21
N1A FAD F . 23.60 17.01 -24.44
C2A FAD F . 23.81 16.31 -23.27
N3A FAD F . 22.75 15.77 -22.61
C4A FAD F . 21.53 15.79 -23.21
N1 FAD F . 9.56 5.56 -14.60
C2 FAD F . 9.30 4.70 -13.56
O2 FAD F . 10.12 3.84 -13.23
N3 FAD F . 8.24 4.99 -12.73
C4 FAD F . 7.25 5.90 -13.08
O4 FAD F . 6.41 6.23 -12.22
C4X FAD F . 7.40 6.58 -14.28
N5 FAD F . 6.50 7.61 -14.63
C5X FAD F . 6.91 8.64 -15.47
C6 FAD F . 6.08 9.73 -15.69
C7 FAD F . 6.49 10.79 -16.51
C7M FAD F . 5.59 11.99 -16.68
C8 FAD F . 7.75 10.74 -17.10
C8M FAD F . 8.30 11.90 -17.89
C9 FAD F . 8.57 9.64 -16.89
C9A FAD F . 8.15 8.56 -16.09
N10 FAD F . 8.94 7.42 -15.90
C10 FAD F . 8.60 6.48 -14.97
C1' FAD F . 9.98 7.04 -16.92
C2' FAD F . 11.41 7.40 -16.54
O2' FAD F . 11.48 8.76 -16.15
C3' FAD F . 12.27 7.12 -17.77
O3' FAD F . 12.09 5.77 -18.17
C4' FAD F . 13.76 7.35 -17.58
O4' FAD F . 13.98 8.67 -17.09
C5' FAD F . 14.45 7.15 -18.91
O5' FAD F . 15.85 7.33 -18.77
P FAD F . 16.76 7.61 -20.07
O1P FAD F . 18.17 7.69 -19.60
O2P FAD F . 16.44 6.64 -21.17
O3P FAD F . 16.26 9.05 -20.62
#